data_2B7N
#
_entry.id   2B7N
#
_cell.length_a   148.855
_cell.length_b   148.855
_cell.length_c   145.662
_cell.angle_alpha   90.00
_cell.angle_beta   90.00
_cell.angle_gamma   90.00
#
_symmetry.space_group_name_H-M   'P 41 21 2'
#
loop_
_entity.id
_entity.type
_entity.pdbx_description
1 polymer 'Probable nicotinate-nucleotide pyrophosphorylase'
2 non-polymer 'SULFATE ION'
3 non-polymer 'QUINOLINIC ACID'
4 water water
#
_entity_poly.entity_id   1
_entity_poly.type   'polypeptide(L)'
_entity_poly.pdbx_seq_one_letter_code
;MEIRTFLERALKEDLGHGDLFERVLEKDFKATAFVRAKQEGVFSGEKYALELLEMTGIECVQTIKDKERFKPKDALMEIR
GDFSMLLKVERTLLNLLQHSSGIATLTSRFVEALNSHKVRLLDTRKTRPLLRIFEKYSVLNGGASNHRLGLDDALMLKDT
HLRHVKDLKSFLTHARKNLPFTAKIEIECESFEEAKNAMNAGADIVMCDNLSVLETKEIAAYRDAHYPFVLLEASGNISL
ESINAYAKSGVDAISVGALIHQATFIDMHMKMA
;
_entity_poly.pdbx_strand_id   A,B,C
#
# COMPACT_ATOMS: atom_id res chain seq x y z
N MET A 1 4.94 9.69 -2.19
CA MET A 1 6.23 10.06 -2.84
C MET A 1 6.70 8.87 -3.70
N GLU A 2 7.21 9.15 -4.89
CA GLU A 2 7.63 8.12 -5.83
C GLU A 2 8.42 6.93 -5.29
N ILE A 3 9.37 7.17 -4.39
CA ILE A 3 10.17 6.07 -3.85
C ILE A 3 9.82 5.64 -2.43
N ARG A 4 8.76 6.20 -1.87
CA ARG A 4 8.34 5.84 -0.51
C ARG A 4 8.10 4.34 -0.32
N THR A 5 7.32 3.75 -1.22
CA THR A 5 7.00 2.32 -1.14
C THR A 5 8.27 1.48 -1.18
N PHE A 6 9.24 1.91 -1.97
CA PHE A 6 10.52 1.24 -2.09
C PHE A 6 11.19 1.15 -0.70
N LEU A 7 11.23 2.29 -0.01
CA LEU A 7 11.83 2.34 1.32
C LEU A 7 11.04 1.52 2.34
N GLU A 8 9.71 1.56 2.25
CA GLU A 8 8.88 0.79 3.17
C GLU A 8 9.21 -0.70 3.04
N ARG A 9 9.33 -1.17 1.80
CA ARG A 9 9.64 -2.57 1.54
C ARG A 9 11.07 -2.90 1.99
N ALA A 10 11.99 -1.97 1.81
CA ALA A 10 13.36 -2.25 2.22
C ALA A 10 13.39 -2.48 3.73
N LEU A 11 12.71 -1.61 4.47
CA LEU A 11 12.64 -1.72 5.92
C LEU A 11 11.92 -2.98 6.36
N LYS A 12 10.71 -3.16 5.83
CA LYS A 12 9.89 -4.31 6.17
C LYS A 12 10.63 -5.65 6.16
N GLU A 13 11.50 -5.87 5.18
CA GLU A 13 12.20 -7.15 5.08
C GLU A 13 13.20 -7.36 6.22
N ASP A 14 13.72 -6.26 6.77
CA ASP A 14 14.68 -6.35 7.87
C ASP A 14 13.98 -6.47 9.22
N LEU A 15 12.87 -5.76 9.40
CA LEU A 15 12.13 -5.81 10.66
C LEU A 15 11.29 -7.09 10.85
N GLY A 16 10.84 -7.68 9.75
CA GLY A 16 10.06 -8.91 9.84
C GLY A 16 8.90 -8.79 10.83
N HIS A 17 8.83 -9.73 11.79
CA HIS A 17 7.77 -9.72 12.80
C HIS A 17 7.92 -8.49 13.72
N GLY A 18 9.13 -7.94 13.79
CA GLY A 18 9.37 -6.79 14.64
C GLY A 18 10.75 -6.86 15.29
N ASP A 19 11.41 -5.71 15.38
CA ASP A 19 12.73 -5.62 16.00
C ASP A 19 12.72 -6.18 17.42
N LEU A 20 13.66 -7.08 17.72
CA LEU A 20 13.71 -7.67 19.05
C LEU A 20 14.29 -6.72 20.11
N PHE A 21 15.21 -5.86 19.70
CA PHE A 21 15.84 -4.96 20.67
C PHE A 21 14.86 -4.03 21.38
N GLU A 22 13.96 -3.41 20.63
CA GLU A 22 12.99 -2.51 21.23
C GLU A 22 12.15 -3.22 22.27
N ARG A 23 12.16 -4.55 22.27
CA ARG A 23 11.39 -5.33 23.24
C ARG A 23 12.10 -5.30 24.59
N VAL A 24 13.42 -5.15 24.58
CA VAL A 24 14.19 -5.15 25.81
C VAL A 24 14.82 -3.80 26.19
N LEU A 25 14.77 -2.82 25.29
CA LEU A 25 15.32 -1.50 25.58
C LEU A 25 14.61 -0.97 26.81
N GLU A 26 15.34 -0.83 27.91
CA GLU A 26 14.78 -0.35 29.16
C GLU A 26 14.12 1.02 29.04
N LYS A 27 14.77 1.95 28.35
CA LYS A 27 14.24 3.31 28.17
C LYS A 27 14.71 3.88 26.84
N ASP A 28 13.79 4.38 26.02
CA ASP A 28 14.17 4.97 24.74
C ASP A 28 14.56 6.43 25.02
N PHE A 29 15.33 7.03 24.12
CA PHE A 29 15.77 8.42 24.27
C PHE A 29 16.25 8.95 22.93
N LYS A 30 16.38 10.27 22.82
CA LYS A 30 16.88 10.87 21.58
C LYS A 30 18.38 10.74 21.55
N ALA A 31 18.94 10.57 20.36
CA ALA A 31 20.37 10.41 20.22
C ALA A 31 20.79 10.82 18.83
N THR A 32 22.07 11.16 18.69
CA THR A 32 22.62 11.57 17.41
C THR A 32 23.55 10.48 16.90
N ALA A 33 23.54 10.27 15.59
CA ALA A 33 24.39 9.25 15.00
C ALA A 33 25.03 9.81 13.73
N PHE A 34 26.16 9.24 13.34
CA PHE A 34 26.87 9.69 12.15
C PHE A 34 27.14 8.53 11.19
N VAL A 35 26.92 8.79 9.91
CA VAL A 35 27.23 7.81 8.87
C VAL A 35 28.62 8.22 8.43
N ARG A 36 29.60 7.37 8.67
CA ARG A 36 30.97 7.69 8.28
C ARG A 36 31.53 6.76 7.21
N ALA A 37 32.36 7.33 6.34
CA ALA A 37 32.99 6.57 5.28
C ALA A 37 34.23 5.91 5.85
N LYS A 38 34.51 4.69 5.37
CA LYS A 38 35.68 3.93 5.79
C LYS A 38 36.48 3.64 4.53
N GLN A 39 36.11 4.33 3.45
CA GLN A 39 36.74 4.15 2.15
C GLN A 39 36.38 5.39 1.32
N GLU A 40 37.22 5.75 0.36
CA GLU A 40 36.93 6.92 -0.45
C GLU A 40 35.95 6.57 -1.57
N GLY A 41 35.27 7.57 -2.10
CA GLY A 41 34.31 7.32 -3.18
C GLY A 41 33.42 8.52 -3.46
N VAL A 42 32.40 8.31 -4.29
CA VAL A 42 31.44 9.38 -4.60
C VAL A 42 30.08 8.99 -4.01
N PHE A 43 29.46 9.97 -3.35
CA PHE A 43 28.18 9.78 -2.67
C PHE A 43 26.95 9.67 -3.56
N SER A 44 26.12 8.68 -3.25
CA SER A 44 24.88 8.47 -3.97
C SER A 44 23.89 7.81 -3.03
N GLY A 45 22.63 8.18 -3.14
CA GLY A 45 21.62 7.58 -2.28
C GLY A 45 20.91 8.63 -1.44
N GLU A 46 21.41 9.86 -1.50
CA GLU A 46 20.83 10.96 -0.75
C GLU A 46 19.31 11.03 -0.83
N LYS A 47 18.78 11.03 -2.05
CA LYS A 47 17.34 11.10 -2.23
C LYS A 47 16.60 10.02 -1.45
N TYR A 48 17.12 8.80 -1.46
CA TYR A 48 16.50 7.69 -0.73
C TYR A 48 16.72 7.80 0.78
N ALA A 49 17.92 8.16 1.20
CA ALA A 49 18.23 8.29 2.62
C ALA A 49 17.29 9.29 3.29
N LEU A 50 17.16 10.47 2.68
CA LEU A 50 16.30 11.52 3.21
C LEU A 50 14.85 11.07 3.31
N GLU A 51 14.36 10.39 2.28
CA GLU A 51 12.97 9.93 2.32
C GLU A 51 12.83 8.88 3.42
N LEU A 52 13.87 8.07 3.63
CA LEU A 52 13.83 7.04 4.68
C LEU A 52 13.79 7.65 6.08
N LEU A 53 14.65 8.64 6.31
CA LEU A 53 14.71 9.32 7.61
C LEU A 53 13.37 9.99 7.90
N GLU A 54 12.85 10.73 6.92
CA GLU A 54 11.59 11.42 7.11
C GLU A 54 10.47 10.43 7.44
N MET A 55 10.47 9.30 6.76
CA MET A 55 9.44 8.29 6.98
C MET A 55 9.48 7.66 8.37
N THR A 56 10.68 7.55 8.93
CA THR A 56 10.84 6.92 10.23
C THR A 56 10.91 7.93 11.37
N GLY A 57 10.67 9.20 11.05
CA GLY A 57 10.69 10.23 12.07
C GLY A 57 12.09 10.55 12.56
N ILE A 58 13.08 10.41 11.71
CA ILE A 58 14.45 10.72 12.08
C ILE A 58 14.84 12.01 11.40
N GLU A 59 15.49 12.89 12.16
CA GLU A 59 15.91 14.17 11.62
C GLU A 59 17.26 14.09 10.94
N CYS A 60 17.36 14.71 9.78
CA CYS A 60 18.63 14.76 9.08
C CYS A 60 19.19 16.13 9.41
N VAL A 61 20.19 16.15 10.30
CA VAL A 61 20.80 17.41 10.70
C VAL A 61 21.75 17.90 9.62
N GLN A 62 22.59 17.00 9.13
CA GLN A 62 23.56 17.33 8.07
C GLN A 62 23.81 16.15 7.15
N THR A 63 24.08 16.44 5.89
CA THR A 63 24.37 15.39 4.90
C THR A 63 25.07 15.96 3.68
N ILE A 64 26.06 15.23 3.17
CA ILE A 64 26.73 15.69 1.97
C ILE A 64 25.74 15.39 0.85
N LYS A 65 25.99 15.93 -0.34
CA LYS A 65 25.07 15.74 -1.46
C LYS A 65 25.48 14.66 -2.46
N ASP A 66 24.50 14.21 -3.24
CA ASP A 66 24.77 13.22 -4.27
C ASP A 66 25.85 13.80 -5.20
N LYS A 67 26.74 12.95 -5.68
CA LYS A 67 27.84 13.31 -6.58
C LYS A 67 29.08 13.84 -5.87
N GLU A 68 28.92 14.20 -4.61
CA GLU A 68 30.04 14.73 -3.83
C GLU A 68 31.03 13.63 -3.46
N ARG A 69 32.32 13.95 -3.54
CA ARG A 69 33.38 13.00 -3.21
C ARG A 69 33.65 12.99 -1.71
N PHE A 70 34.13 11.86 -1.19
CA PHE A 70 34.44 11.75 0.23
C PHE A 70 35.66 10.87 0.47
N LYS A 71 36.29 11.04 1.63
CA LYS A 71 37.48 10.28 1.97
C LYS A 71 37.22 9.48 3.23
N PRO A 72 38.05 8.47 3.49
CA PRO A 72 37.84 7.66 4.70
C PRO A 72 37.80 8.51 5.97
N LYS A 73 36.97 8.10 6.92
CA LYS A 73 36.78 8.80 8.19
C LYS A 73 35.82 9.98 8.06
N ASP A 74 35.59 10.44 6.83
CA ASP A 74 34.66 11.55 6.60
C ASP A 74 33.26 11.22 7.12
N ALA A 75 32.61 12.20 7.70
CA ALA A 75 31.26 12.03 8.20
C ALA A 75 30.36 12.40 7.02
N LEU A 76 29.54 11.46 6.57
CA LEU A 76 28.67 11.69 5.43
C LEU A 76 27.30 12.21 5.85
N MET A 77 26.82 11.76 7.00
CA MET A 77 25.52 12.20 7.49
C MET A 77 25.48 12.29 9.00
N GLU A 78 24.67 13.22 9.51
CA GLU A 78 24.48 13.39 10.93
C GLU A 78 22.97 13.33 11.09
N ILE A 79 22.49 12.34 11.83
CA ILE A 79 21.07 12.18 12.03
C ILE A 79 20.73 12.12 13.50
N ARG A 80 19.50 12.51 13.84
CA ARG A 80 19.08 12.51 15.23
C ARG A 80 17.64 12.03 15.38
N GLY A 81 17.41 11.18 16.38
CA GLY A 81 16.07 10.67 16.63
C GLY A 81 16.09 9.62 17.74
N ASP A 82 14.96 8.94 17.95
CA ASP A 82 14.90 7.90 18.98
C ASP A 82 15.98 6.86 18.76
N PHE A 83 16.64 6.49 19.85
CA PHE A 83 17.70 5.50 19.83
C PHE A 83 17.18 4.21 19.21
N SER A 84 15.98 3.81 19.62
CA SER A 84 15.37 2.59 19.11
C SER A 84 15.19 2.64 17.58
N MET A 85 14.81 3.79 17.05
CA MET A 85 14.60 3.92 15.61
C MET A 85 15.89 4.03 14.80
N LEU A 86 16.92 4.64 15.39
CA LEU A 86 18.20 4.77 14.71
C LEU A 86 18.78 3.37 14.47
N LEU A 87 18.56 2.48 15.44
CA LEU A 87 19.02 1.11 15.35
C LEU A 87 18.18 0.29 14.36
N LYS A 88 16.87 0.50 14.38
CA LYS A 88 15.99 -0.23 13.47
C LYS A 88 16.24 0.16 12.01
N VAL A 89 16.70 1.38 11.79
CA VAL A 89 16.96 1.89 10.45
C VAL A 89 18.40 1.75 9.97
N GLU A 90 19.34 1.66 10.92
CA GLU A 90 20.76 1.58 10.61
C GLU A 90 21.18 0.82 9.34
N ARG A 91 20.92 -0.49 9.33
CA ARG A 91 21.31 -1.33 8.21
C ARG A 91 20.65 -0.91 6.88
N THR A 92 19.34 -0.70 6.89
CA THR A 92 18.65 -0.28 5.68
C THR A 92 19.27 1.00 5.11
N LEU A 93 19.61 1.93 6.00
CA LEU A 93 20.22 3.20 5.60
C LEU A 93 21.60 2.96 5.00
N LEU A 94 22.45 2.24 5.73
CA LEU A 94 23.79 1.98 5.25
C LEU A 94 23.81 1.18 3.96
N ASN A 95 23.04 0.09 3.91
CA ASN A 95 23.01 -0.73 2.71
C ASN A 95 22.62 0.04 1.46
N LEU A 96 21.63 0.91 1.56
CA LEU A 96 21.25 1.65 0.37
C LEU A 96 22.33 2.67 -0.01
N LEU A 97 23.00 3.24 0.99
CA LEU A 97 24.06 4.23 0.69
C LEU A 97 25.32 3.58 0.14
N GLN A 98 25.72 2.46 0.72
CA GLN A 98 26.92 1.77 0.28
C GLN A 98 26.74 1.16 -1.10
N HIS A 99 25.53 0.72 -1.41
CA HIS A 99 25.25 0.13 -2.70
C HIS A 99 25.17 1.24 -3.74
N SER A 100 24.38 2.27 -3.46
CA SER A 100 24.25 3.37 -4.40
C SER A 100 25.62 4.02 -4.64
N SER A 101 26.32 4.36 -3.56
CA SER A 101 27.64 4.98 -3.70
C SER A 101 28.61 4.04 -4.45
N GLY A 102 28.46 2.74 -4.25
CA GLY A 102 29.33 1.78 -4.92
C GLY A 102 29.19 1.90 -6.43
N ILE A 103 27.95 2.00 -6.89
CA ILE A 103 27.67 2.14 -8.31
C ILE A 103 28.20 3.49 -8.81
N ALA A 104 27.85 4.56 -8.11
CA ALA A 104 28.29 5.89 -8.50
C ALA A 104 29.80 5.97 -8.59
N THR A 105 30.48 5.36 -7.62
CA THR A 105 31.93 5.39 -7.60
C THR A 105 32.55 4.64 -8.78
N LEU A 106 32.07 3.42 -9.02
CA LEU A 106 32.60 2.63 -10.13
C LEU A 106 32.36 3.42 -11.41
N THR A 107 31.18 4.01 -11.50
CA THR A 107 30.81 4.78 -12.68
C THR A 107 31.74 5.97 -12.89
N SER A 108 32.09 6.67 -11.81
CA SER A 108 32.97 7.82 -11.94
C SER A 108 34.32 7.42 -12.51
N ARG A 109 34.75 6.20 -12.21
CA ARG A 109 36.03 5.70 -12.72
C ARG A 109 35.95 5.54 -14.25
N PHE A 110 34.79 5.18 -14.76
CA PHE A 110 34.60 5.02 -16.20
C PHE A 110 34.46 6.38 -16.88
N VAL A 111 33.94 7.36 -16.13
CA VAL A 111 33.78 8.70 -16.66
C VAL A 111 35.15 9.31 -16.92
N GLU A 112 36.07 9.16 -15.95
CA GLU A 112 37.42 9.67 -16.09
C GLU A 112 38.11 9.06 -17.30
N ALA A 113 38.17 7.73 -17.33
CA ALA A 113 38.82 7.01 -18.43
C ALA A 113 38.26 7.44 -19.79
N LEU A 114 36.93 7.57 -19.88
CA LEU A 114 36.30 7.95 -21.15
C LEU A 114 36.83 9.31 -21.55
N ASN A 115 37.11 10.13 -20.55
CA ASN A 115 37.65 11.48 -20.73
C ASN A 115 37.07 12.22 -21.92
N SER A 116 35.77 12.51 -21.88
CA SER A 116 35.14 13.23 -22.97
C SER A 116 33.89 13.97 -22.54
N HIS A 117 33.57 15.04 -23.29
CA HIS A 117 32.40 15.84 -23.00
C HIS A 117 31.43 15.73 -24.17
N LYS A 118 31.87 15.11 -25.25
CA LYS A 118 31.05 14.94 -26.43
C LYS A 118 30.41 13.55 -26.48
N VAL A 119 31.06 12.59 -25.83
CA VAL A 119 30.58 11.21 -25.80
C VAL A 119 30.04 10.89 -24.40
N ARG A 120 28.76 10.53 -24.31
CA ARG A 120 28.21 10.20 -23.00
C ARG A 120 28.32 8.71 -22.67
N LEU A 121 28.48 8.42 -21.38
CA LEU A 121 28.59 7.05 -20.87
C LEU A 121 27.16 6.63 -20.55
N LEU A 122 26.82 5.38 -20.84
CA LEU A 122 25.47 4.89 -20.59
C LEU A 122 25.43 3.53 -19.87
N ASP A 123 24.31 3.25 -19.23
CA ASP A 123 24.12 1.99 -18.55
C ASP A 123 23.25 1.10 -19.44
N THR A 124 22.72 0.02 -18.88
CA THR A 124 21.88 -0.90 -19.66
C THR A 124 20.69 -1.34 -18.82
N ARG A 125 19.98 -2.37 -19.29
CA ARG A 125 18.85 -2.89 -18.53
C ARG A 125 19.28 -4.04 -17.64
N LYS A 126 20.59 -4.20 -17.49
CA LYS A 126 21.13 -5.24 -16.63
C LYS A 126 21.18 -4.60 -15.24
N THR A 127 20.17 -4.89 -14.44
CA THR A 127 20.08 -4.33 -13.10
C THR A 127 19.52 -5.40 -12.18
N ARG A 128 19.84 -5.29 -10.90
CA ARG A 128 19.36 -6.27 -9.94
C ARG A 128 17.85 -6.12 -9.77
N PRO A 129 17.14 -7.25 -9.62
CA PRO A 129 15.68 -7.18 -9.46
C PRO A 129 15.21 -6.19 -8.43
N LEU A 130 14.19 -5.42 -8.81
CA LEU A 130 13.56 -4.41 -7.95
C LEU A 130 14.39 -3.16 -7.77
N LEU A 131 15.61 -3.15 -8.32
CA LEU A 131 16.49 -1.99 -8.17
C LEU A 131 16.75 -1.21 -9.45
N ARG A 132 15.95 -1.39 -10.50
CA ARG A 132 16.25 -0.64 -11.71
C ARG A 132 16.31 0.87 -11.53
N ILE A 133 15.20 1.44 -11.07
CA ILE A 133 15.14 2.89 -10.84
C ILE A 133 16.23 3.32 -9.87
N PHE A 134 16.42 2.54 -8.81
CA PHE A 134 17.44 2.84 -7.82
C PHE A 134 18.83 2.88 -8.44
N GLU A 135 19.16 1.84 -9.20
CA GLU A 135 20.48 1.77 -9.81
C GLU A 135 20.72 2.72 -10.96
N LYS A 136 19.67 3.05 -11.71
CA LYS A 136 19.80 4.01 -12.82
C LYS A 136 20.13 5.37 -12.19
N TYR A 137 19.46 5.67 -11.09
CA TYR A 137 19.67 6.92 -10.36
C TYR A 137 21.11 6.99 -9.88
N SER A 138 21.62 5.85 -9.41
CA SER A 138 22.98 5.76 -8.89
C SER A 138 24.03 6.04 -9.96
N VAL A 139 23.74 5.66 -11.20
CA VAL A 139 24.67 5.88 -12.29
C VAL A 139 24.76 7.38 -12.60
N LEU A 140 23.64 8.07 -12.48
CA LEU A 140 23.62 9.50 -12.74
C LEU A 140 24.60 10.17 -11.79
N ASN A 141 24.58 9.76 -10.52
CA ASN A 141 25.45 10.36 -9.52
C ASN A 141 26.92 10.05 -9.75
N GLY A 142 27.21 9.14 -10.67
CA GLY A 142 28.58 8.81 -10.97
C GLY A 142 29.12 9.75 -12.04
N GLY A 143 28.23 10.53 -12.64
CA GLY A 143 28.64 11.47 -13.67
C GLY A 143 28.32 11.03 -15.08
N ALA A 144 27.59 9.93 -15.21
CA ALA A 144 27.24 9.42 -16.53
C ALA A 144 25.79 9.71 -16.87
N SER A 145 25.29 9.02 -17.90
CA SER A 145 23.91 9.20 -18.35
C SER A 145 23.20 7.85 -18.37
N ASN A 146 21.87 7.89 -18.39
CA ASN A 146 21.07 6.68 -18.41
C ASN A 146 20.61 6.32 -19.81
N HIS A 147 20.43 5.01 -20.05
CA HIS A 147 19.90 4.55 -21.31
C HIS A 147 18.42 4.46 -20.92
N ARG A 148 17.57 3.88 -21.77
CA ARG A 148 16.15 3.79 -21.43
C ARG A 148 15.97 3.13 -20.06
N LEU A 149 14.83 3.39 -19.42
CA LEU A 149 14.52 2.82 -18.11
C LEU A 149 13.85 1.47 -18.17
N GLY A 150 13.19 1.15 -19.28
CA GLY A 150 12.53 -0.14 -19.41
C GLY A 150 12.15 -0.51 -20.84
N LEU A 151 11.18 -1.42 -20.99
CA LEU A 151 10.74 -1.86 -22.32
C LEU A 151 9.65 -0.98 -22.93
N ASP A 152 9.16 -0.01 -22.17
CA ASP A 152 8.08 0.89 -22.63
C ASP A 152 8.64 2.25 -23.03
N ASP A 153 9.84 2.51 -22.57
CA ASP A 153 10.60 3.74 -22.78
C ASP A 153 10.97 3.96 -24.24
N ALA A 154 11.42 2.90 -24.90
CA ALA A 154 11.83 2.96 -26.31
C ALA A 154 11.79 1.56 -26.91
N LEU A 155 11.98 1.47 -28.21
CA LEU A 155 11.96 0.17 -28.89
C LEU A 155 13.38 -0.21 -29.27
N MET A 156 13.84 -1.36 -28.79
CA MET A 156 15.19 -1.80 -29.11
C MET A 156 15.14 -3.19 -29.74
N LEU A 157 15.44 -3.24 -31.04
CA LEU A 157 15.43 -4.50 -31.76
C LEU A 157 16.84 -5.06 -31.80
N LYS A 158 17.02 -6.24 -31.22
CA LYS A 158 18.33 -6.87 -31.21
C LYS A 158 18.27 -8.13 -32.06
N ASP A 159 19.36 -8.89 -32.02
CA ASP A 159 19.50 -10.13 -32.77
C ASP A 159 18.24 -11.00 -32.76
N THR A 160 17.76 -11.35 -31.58
CA THR A 160 16.56 -12.18 -31.45
C THR A 160 15.34 -11.65 -32.17
N HIS A 161 15.10 -10.33 -32.07
CA HIS A 161 13.96 -9.71 -32.73
C HIS A 161 14.13 -9.76 -34.24
N LEU A 162 15.26 -9.23 -34.69
CA LEU A 162 15.58 -9.17 -36.11
C LEU A 162 15.41 -10.48 -36.88
N ARG A 163 15.66 -11.61 -36.22
CA ARG A 163 15.53 -12.91 -36.88
C ARG A 163 14.13 -13.16 -37.40
N HIS A 164 13.16 -12.45 -36.86
CA HIS A 164 11.78 -12.62 -37.29
C HIS A 164 11.25 -11.41 -38.04
N VAL A 165 12.18 -10.56 -38.47
CA VAL A 165 11.82 -9.35 -39.22
C VAL A 165 12.33 -9.43 -40.66
N LYS A 166 11.43 -9.78 -41.59
CA LYS A 166 11.79 -9.83 -43.00
C LYS A 166 11.61 -8.40 -43.47
N ASP A 167 12.64 -7.82 -44.06
CA ASP A 167 12.55 -6.45 -44.54
C ASP A 167 12.38 -5.44 -43.40
N LEU A 168 13.51 -5.04 -42.82
CA LEU A 168 13.52 -4.09 -41.72
C LEU A 168 12.85 -2.77 -42.06
N LYS A 169 13.26 -2.16 -43.17
CA LYS A 169 12.71 -0.87 -43.60
C LYS A 169 11.19 -0.84 -43.57
N SER A 170 10.58 -1.83 -44.22
CA SER A 170 9.13 -1.93 -44.26
C SER A 170 8.59 -2.02 -42.83
N PHE A 171 9.26 -2.83 -42.02
CA PHE A 171 8.85 -3.03 -40.63
C PHE A 171 8.87 -1.71 -39.85
N LEU A 172 10.01 -1.02 -39.89
CA LEU A 172 10.16 0.25 -39.19
C LEU A 172 9.19 1.32 -39.69
N THR A 173 8.95 1.31 -41.00
CA THR A 173 8.05 2.28 -41.60
C THR A 173 6.62 2.12 -41.10
N HIS A 174 6.17 0.89 -40.95
CA HIS A 174 4.80 0.65 -40.49
C HIS A 174 4.66 0.40 -39.00
N ALA A 175 5.78 0.48 -38.28
CA ALA A 175 5.77 0.27 -36.85
C ALA A 175 5.46 1.60 -36.14
N ARG A 176 5.86 2.70 -36.78
CA ARG A 176 5.66 4.03 -36.22
C ARG A 176 4.24 4.30 -35.72
N LYS A 177 3.24 3.95 -36.52
CA LYS A 177 1.85 4.18 -36.15
C LYS A 177 1.35 3.35 -34.97
N ASN A 178 2.03 2.23 -34.69
CA ASN A 178 1.61 1.39 -33.58
C ASN A 178 2.46 1.59 -32.33
N LEU A 179 3.40 2.51 -32.41
CA LEU A 179 4.26 2.84 -31.29
C LEU A 179 3.87 4.22 -30.80
N PRO A 180 4.20 4.55 -29.54
CA PRO A 180 3.81 5.90 -29.13
C PRO A 180 4.54 6.91 -30.00
N PHE A 181 3.82 7.94 -30.43
CA PHE A 181 4.35 9.00 -31.30
C PHE A 181 5.76 9.48 -31.02
N THR A 182 6.17 9.50 -29.76
CA THR A 182 7.49 9.99 -29.39
C THR A 182 8.59 8.93 -29.28
N ALA A 183 8.27 7.67 -29.54
CA ALA A 183 9.26 6.61 -29.41
C ALA A 183 10.36 6.55 -30.47
N LYS A 184 11.58 6.29 -30.01
CA LYS A 184 12.72 6.12 -30.89
C LYS A 184 12.90 4.62 -31.08
N ILE A 185 13.54 4.23 -32.17
CA ILE A 185 13.78 2.81 -32.43
C ILE A 185 15.27 2.60 -32.64
N GLU A 186 15.85 1.73 -31.83
CA GLU A 186 17.27 1.43 -31.94
C GLU A 186 17.46 0.01 -32.48
N ILE A 187 18.52 -0.18 -33.24
CA ILE A 187 18.81 -1.47 -33.83
C ILE A 187 20.23 -1.92 -33.49
N GLU A 188 20.33 -3.12 -32.93
CA GLU A 188 21.63 -3.67 -32.56
C GLU A 188 22.26 -4.31 -33.79
N CYS A 189 23.45 -3.84 -34.14
CA CYS A 189 24.16 -4.34 -35.31
C CYS A 189 25.55 -4.87 -34.96
N GLU A 190 25.98 -5.91 -35.68
CA GLU A 190 27.27 -6.52 -35.42
C GLU A 190 28.25 -6.49 -36.59
N SER A 191 27.98 -5.63 -37.57
CA SER A 191 28.85 -5.49 -38.72
C SER A 191 28.50 -4.21 -39.47
N PHE A 192 29.46 -3.71 -40.24
CA PHE A 192 29.27 -2.50 -41.03
C PHE A 192 28.01 -2.63 -41.87
N GLU A 193 27.88 -3.76 -42.57
CA GLU A 193 26.71 -4.01 -43.42
C GLU A 193 25.41 -3.87 -42.65
N GLU A 194 25.33 -4.54 -41.51
CA GLU A 194 24.13 -4.50 -40.68
C GLU A 194 23.75 -3.07 -40.28
N ALA A 195 24.73 -2.32 -39.79
CA ALA A 195 24.51 -0.94 -39.39
C ALA A 195 24.04 -0.13 -40.60
N LYS A 196 24.75 -0.27 -41.72
CA LYS A 196 24.39 0.46 -42.94
C LYS A 196 22.94 0.16 -43.30
N ASN A 197 22.58 -1.12 -43.26
CA ASN A 197 21.21 -1.53 -43.58
C ASN A 197 20.23 -0.95 -42.56
N ALA A 198 20.67 -0.88 -41.30
CA ALA A 198 19.82 -0.35 -40.23
C ALA A 198 19.53 1.13 -40.51
N MET A 199 20.58 1.89 -40.82
CA MET A 199 20.44 3.30 -41.12
C MET A 199 19.47 3.49 -42.29
N ASN A 200 19.69 2.77 -43.38
CA ASN A 200 18.83 2.89 -44.55
C ASN A 200 17.39 2.48 -44.23
N ALA A 201 17.22 1.59 -43.26
CA ALA A 201 15.88 1.12 -42.89
C ALA A 201 15.08 2.16 -42.12
N GLY A 202 15.76 3.15 -41.55
CA GLY A 202 15.05 4.18 -40.80
C GLY A 202 15.24 4.09 -39.30
N ALA A 203 16.40 3.60 -38.88
CA ALA A 203 16.71 3.46 -37.47
C ALA A 203 16.98 4.84 -36.87
N ASP A 204 16.46 5.08 -35.67
CA ASP A 204 16.69 6.35 -34.99
C ASP A 204 18.07 6.23 -34.38
N ILE A 205 18.35 5.04 -33.85
CA ILE A 205 19.62 4.76 -33.19
C ILE A 205 20.20 3.44 -33.65
N VAL A 206 21.51 3.38 -33.78
CA VAL A 206 22.18 2.15 -34.18
C VAL A 206 23.26 1.81 -33.19
N MET A 207 23.20 0.59 -32.65
CA MET A 207 24.20 0.15 -31.69
C MET A 207 25.27 -0.66 -32.42
N CYS A 208 26.53 -0.29 -32.19
CA CYS A 208 27.65 -1.01 -32.79
C CYS A 208 28.08 -2.02 -31.72
N ASP A 209 27.47 -3.19 -31.78
CA ASP A 209 27.70 -4.25 -30.81
C ASP A 209 28.89 -5.18 -31.09
N ASN A 210 29.75 -5.32 -30.08
CA ASN A 210 30.94 -6.17 -30.19
C ASN A 210 31.72 -5.95 -31.48
N LEU A 211 32.16 -4.73 -31.68
CA LEU A 211 32.92 -4.37 -32.86
C LEU A 211 34.22 -3.70 -32.46
N SER A 212 35.26 -3.89 -33.26
CA SER A 212 36.56 -3.30 -32.98
C SER A 212 36.41 -1.79 -33.08
N VAL A 213 37.43 -1.04 -32.67
CA VAL A 213 37.34 0.40 -32.75
C VAL A 213 37.35 0.80 -34.22
N LEU A 214 38.17 0.12 -35.02
CA LEU A 214 38.27 0.40 -36.45
C LEU A 214 36.92 0.22 -37.11
N GLU A 215 36.32 -0.94 -36.84
CA GLU A 215 35.01 -1.28 -37.39
C GLU A 215 33.99 -0.20 -37.02
N THR A 216 34.08 0.28 -35.78
CA THR A 216 33.17 1.31 -35.30
C THR A 216 33.42 2.65 -35.98
N LYS A 217 34.69 3.04 -36.08
CA LYS A 217 35.04 4.29 -36.74
C LYS A 217 34.48 4.30 -38.16
N GLU A 218 34.61 3.16 -38.85
CA GLU A 218 34.10 3.06 -40.21
C GLU A 218 32.62 3.39 -40.24
N ILE A 219 31.87 2.75 -39.34
CA ILE A 219 30.42 2.98 -39.27
C ILE A 219 30.10 4.42 -38.90
N ALA A 220 30.89 5.00 -38.00
CA ALA A 220 30.67 6.38 -37.57
C ALA A 220 30.91 7.34 -38.74
N ALA A 221 31.98 7.10 -39.49
CA ALA A 221 32.31 7.94 -40.64
C ALA A 221 31.19 7.85 -41.68
N TYR A 222 30.69 6.62 -41.89
CA TYR A 222 29.62 6.42 -42.85
C TYR A 222 28.38 7.18 -42.39
N ARG A 223 28.10 7.09 -41.09
CA ARG A 223 26.94 7.78 -40.51
C ARG A 223 27.06 9.30 -40.72
N ASP A 224 28.22 9.87 -40.39
CA ASP A 224 28.41 11.32 -40.55
C ASP A 224 28.12 11.79 -41.97
N ALA A 225 28.54 10.98 -42.95
CA ALA A 225 28.38 11.33 -44.35
C ALA A 225 27.00 11.08 -44.94
N HIS A 226 26.31 10.04 -44.48
CA HIS A 226 25.00 9.73 -45.06
C HIS A 226 23.79 9.87 -44.15
N TYR A 227 23.94 9.54 -42.87
CA TYR A 227 22.82 9.66 -41.96
C TYR A 227 23.24 10.44 -40.72
N PRO A 228 23.45 11.75 -40.89
CA PRO A 228 23.87 12.65 -39.81
C PRO A 228 22.95 12.72 -38.60
N PHE A 229 21.70 12.30 -38.76
CA PHE A 229 20.76 12.37 -37.66
C PHE A 229 20.57 11.08 -36.89
N VAL A 230 21.30 10.04 -37.28
CA VAL A 230 21.20 8.76 -36.58
C VAL A 230 22.23 8.76 -35.44
N LEU A 231 21.76 8.45 -34.24
CA LEU A 231 22.64 8.39 -33.07
C LEU A 231 23.36 7.04 -33.12
N LEU A 232 24.62 7.02 -32.71
CA LEU A 232 25.39 5.79 -32.69
C LEU A 232 25.82 5.48 -31.26
N GLU A 233 25.77 4.19 -30.92
CA GLU A 233 26.14 3.72 -29.60
C GLU A 233 27.06 2.51 -29.70
N ALA A 234 28.17 2.54 -28.97
CA ALA A 234 29.08 1.42 -28.99
C ALA A 234 28.87 0.62 -27.70
N SER A 235 29.01 -0.70 -27.78
CA SER A 235 28.86 -1.55 -26.60
C SER A 235 29.35 -2.97 -26.85
N GLY A 236 29.56 -3.71 -25.78
CA GLY A 236 30.04 -5.07 -25.88
C GLY A 236 31.28 -5.25 -25.04
N ASN A 237 31.09 -5.50 -23.75
CA ASN A 237 32.19 -5.72 -22.82
C ASN A 237 33.26 -4.63 -22.91
N ILE A 238 32.85 -3.37 -23.03
CA ILE A 238 33.80 -2.28 -23.09
C ILE A 238 34.37 -2.17 -21.68
N SER A 239 35.69 -2.11 -21.56
CA SER A 239 36.32 -2.03 -20.24
C SER A 239 36.95 -0.67 -19.97
N LEU A 240 37.54 -0.54 -18.78
CA LEU A 240 38.21 0.70 -18.39
C LEU A 240 39.45 0.89 -19.26
N GLU A 241 39.98 -0.22 -19.76
CA GLU A 241 41.17 -0.20 -20.59
C GLU A 241 40.92 0.28 -22.01
N SER A 242 39.76 -0.09 -22.57
CA SER A 242 39.44 0.28 -23.95
C SER A 242 38.43 1.40 -24.14
N ILE A 243 37.80 1.84 -23.06
CA ILE A 243 36.79 2.87 -23.16
C ILE A 243 37.28 4.17 -23.84
N ASN A 244 38.51 4.60 -23.53
CA ASN A 244 39.01 5.83 -24.15
C ASN A 244 39.12 5.66 -25.66
N ALA A 245 39.59 4.49 -26.09
CA ALA A 245 39.73 4.22 -27.52
C ALA A 245 38.40 4.41 -28.24
N TYR A 246 37.33 3.80 -27.73
CA TYR A 246 36.02 3.93 -28.35
C TYR A 246 35.49 5.35 -28.31
N ALA A 247 35.92 6.12 -27.32
CA ALA A 247 35.46 7.50 -27.22
C ALA A 247 35.91 8.28 -28.44
N LYS A 248 36.99 7.82 -29.07
CA LYS A 248 37.55 8.48 -30.25
C LYS A 248 37.07 7.85 -31.56
N SER A 249 36.08 6.98 -31.48
CA SER A 249 35.57 6.30 -32.67
C SER A 249 34.60 7.15 -33.49
N GLY A 250 33.98 8.13 -32.86
CA GLY A 250 33.03 8.97 -33.57
C GLY A 250 31.59 8.64 -33.13
N VAL A 251 31.46 7.68 -32.22
CA VAL A 251 30.16 7.28 -31.72
C VAL A 251 29.63 8.36 -30.77
N ASP A 252 28.31 8.44 -30.61
CA ASP A 252 27.71 9.43 -29.72
C ASP A 252 27.72 9.01 -28.26
N ALA A 253 27.48 7.73 -28.02
CA ALA A 253 27.46 7.21 -26.66
C ALA A 253 28.11 5.84 -26.56
N ILE A 254 28.46 5.46 -25.34
CA ILE A 254 29.08 4.19 -25.06
C ILE A 254 28.37 3.56 -23.87
N SER A 255 27.84 2.36 -24.05
CA SER A 255 27.15 1.69 -22.96
C SER A 255 27.97 0.54 -22.39
N VAL A 256 27.98 0.47 -21.06
CA VAL A 256 28.68 -0.58 -20.34
C VAL A 256 27.81 -0.96 -19.15
N GLY A 257 27.28 -2.17 -19.21
CA GLY A 257 26.40 -2.68 -18.16
C GLY A 257 27.14 -2.88 -16.85
N ALA A 258 28.46 -3.00 -16.94
CA ALA A 258 29.30 -3.20 -15.76
C ALA A 258 29.17 -2.08 -14.74
N LEU A 259 28.89 -0.87 -15.21
CA LEU A 259 28.75 0.26 -14.29
C LEU A 259 27.84 -0.15 -13.13
N ILE A 260 26.84 -0.97 -13.45
CA ILE A 260 25.91 -1.43 -12.44
C ILE A 260 26.17 -2.86 -11.98
N HIS A 261 26.26 -3.81 -12.92
CA HIS A 261 26.44 -5.20 -12.52
C HIS A 261 27.80 -5.66 -11.99
N GLN A 262 28.80 -4.78 -11.99
CA GLN A 262 30.11 -5.15 -11.42
C GLN A 262 30.43 -4.22 -10.25
N ALA A 263 29.48 -3.35 -9.90
CA ALA A 263 29.68 -2.43 -8.79
C ALA A 263 29.53 -3.21 -7.47
N THR A 264 30.29 -2.79 -6.46
CA THR A 264 30.23 -3.42 -5.14
C THR A 264 30.09 -2.33 -4.09
N PHE A 265 29.75 -2.73 -2.87
CA PHE A 265 29.57 -1.80 -1.75
C PHE A 265 30.83 -0.99 -1.40
N ILE A 266 30.64 0.31 -1.13
CA ILE A 266 31.72 1.18 -0.68
C ILE A 266 31.58 1.02 0.84
N ASP A 267 32.68 0.80 1.56
CA ASP A 267 32.60 0.59 3.00
C ASP A 267 32.23 1.86 3.82
N MET A 268 31.23 1.71 4.69
CA MET A 268 30.76 2.80 5.56
C MET A 268 30.21 2.18 6.84
N HIS A 269 29.95 3.00 7.85
CA HIS A 269 29.37 2.50 9.10
C HIS A 269 28.68 3.64 9.86
N MET A 270 27.94 3.27 10.89
CA MET A 270 27.24 4.26 11.72
C MET A 270 27.78 4.22 13.14
N LYS A 271 28.05 5.40 13.69
CA LYS A 271 28.56 5.51 15.05
C LYS A 271 27.75 6.52 15.85
N MET A 272 27.44 6.16 17.09
CA MET A 272 26.65 7.01 17.99
C MET A 272 27.46 8.16 18.59
N ALA A 273 27.02 8.61 19.77
CA ALA A 273 27.64 9.69 20.53
C ALA A 273 28.24 10.78 19.64
N MET B 1 4.75 3.11 9.82
CA MET B 1 5.52 2.21 10.71
C MET B 1 4.96 0.79 10.72
N GLU B 2 5.65 -0.10 11.43
CA GLU B 2 5.33 -1.52 11.52
C GLU B 2 3.87 -1.97 11.46
N ILE B 3 2.96 -1.25 12.09
CA ILE B 3 1.56 -1.66 12.11
C ILE B 3 0.55 -0.73 11.47
N ARG B 4 1.02 0.25 10.71
CA ARG B 4 0.10 1.21 10.09
C ARG B 4 -0.83 0.53 9.10
N THR B 5 -0.30 -0.38 8.29
CA THR B 5 -1.07 -1.10 7.29
C THR B 5 -2.19 -1.91 7.95
N PHE B 6 -1.86 -2.50 9.10
CA PHE B 6 -2.81 -3.29 9.86
C PHE B 6 -4.03 -2.40 10.16
N LEU B 7 -3.79 -1.23 10.75
CA LEU B 7 -4.87 -0.30 11.09
C LEU B 7 -5.65 0.17 9.87
N GLU B 8 -4.95 0.40 8.76
CA GLU B 8 -5.62 0.84 7.53
C GLU B 8 -6.65 -0.18 7.08
N ARG B 9 -6.23 -1.44 7.06
CA ARG B 9 -7.11 -2.54 6.66
C ARG B 9 -8.23 -2.75 7.64
N ALA B 10 -7.94 -2.58 8.92
CA ALA B 10 -8.95 -2.76 9.96
C ALA B 10 -10.05 -1.73 9.71
N LEU B 11 -9.64 -0.50 9.45
CA LEU B 11 -10.58 0.58 9.22
C LEU B 11 -11.35 0.41 7.90
N LYS B 12 -10.62 0.05 6.85
CA LYS B 12 -11.18 -0.13 5.52
C LYS B 12 -12.37 -1.09 5.43
N GLU B 13 -12.33 -2.18 6.18
CA GLU B 13 -13.41 -3.16 6.15
C GLU B 13 -14.69 -2.63 6.78
N ASP B 14 -14.57 -1.58 7.60
CA ASP B 14 -15.74 -1.00 8.26
C ASP B 14 -16.34 0.12 7.41
N LEU B 15 -15.47 0.94 6.80
CA LEU B 15 -15.93 2.05 5.97
C LEU B 15 -16.51 1.62 4.62
N GLY B 16 -16.01 0.52 4.07
CA GLY B 16 -16.52 0.05 2.78
C GLY B 16 -16.55 1.11 1.70
N HIS B 17 -17.71 1.30 1.07
CA HIS B 17 -17.84 2.31 0.01
C HIS B 17 -17.66 3.72 0.56
N GLY B 18 -17.93 3.87 1.86
CA GLY B 18 -17.82 5.17 2.51
C GLY B 18 -18.86 5.28 3.61
N ASP B 19 -18.49 5.94 4.69
CA ASP B 19 -19.40 6.13 5.82
C ASP B 19 -20.66 6.87 5.37
N LEU B 20 -21.82 6.33 5.69
CA LEU B 20 -23.06 6.99 5.29
C LEU B 20 -23.33 8.25 6.13
N PHE B 21 -23.13 8.19 7.44
CA PHE B 21 -23.40 9.34 8.30
C PHE B 21 -22.77 10.65 7.84
N GLU B 22 -21.51 10.63 7.45
CA GLU B 22 -20.87 11.86 7.00
C GLU B 22 -21.55 12.43 5.76
N ARG B 23 -22.42 11.64 5.13
CA ARG B 23 -23.13 12.10 3.96
C ARG B 23 -24.30 12.98 4.38
N VAL B 24 -24.79 12.79 5.61
CA VAL B 24 -25.92 13.56 6.09
C VAL B 24 -25.59 14.52 7.24
N LEU B 25 -24.40 14.41 7.81
CA LEU B 25 -24.00 15.28 8.91
C LEU B 25 -24.10 16.70 8.37
N GLU B 26 -25.01 17.49 8.92
CA GLU B 26 -25.18 18.87 8.46
C GLU B 26 -23.88 19.67 8.52
N LYS B 27 -23.22 19.65 9.67
CA LYS B 27 -21.97 20.39 9.84
C LYS B 27 -21.05 19.65 10.80
N ASP B 28 -19.81 19.44 10.38
CA ASP B 28 -18.83 18.75 11.20
C ASP B 28 -18.28 19.76 12.21
N PHE B 29 -17.59 19.26 13.23
CA PHE B 29 -17.02 20.13 14.27
C PHE B 29 -16.12 19.30 15.18
N LYS B 30 -15.20 19.95 15.89
CA LYS B 30 -14.31 19.25 16.81
C LYS B 30 -15.09 18.84 18.06
N ALA B 31 -14.76 17.67 18.61
CA ALA B 31 -15.43 17.17 19.80
C ALA B 31 -14.51 16.25 20.57
N THR B 32 -14.78 16.10 21.87
CA THR B 32 -13.98 15.24 22.72
C THR B 32 -14.79 14.03 23.11
N ALA B 33 -14.14 12.88 23.17
CA ALA B 33 -14.79 11.63 23.57
C ALA B 33 -13.88 10.86 24.52
N PHE B 34 -14.48 9.96 25.30
CA PHE B 34 -13.72 9.16 26.23
C PHE B 34 -14.04 7.68 26.02
N VAL B 35 -13.01 6.85 26.11
CA VAL B 35 -13.21 5.42 26.00
C VAL B 35 -13.32 5.01 27.46
N ARG B 36 -14.43 4.41 27.83
CA ARG B 36 -14.64 4.00 29.21
C ARG B 36 -14.78 2.49 29.35
N ALA B 37 -14.26 1.96 30.44
CA ALA B 37 -14.36 0.54 30.71
C ALA B 37 -15.72 0.25 31.32
N LYS B 38 -16.21 -0.97 31.12
CA LYS B 38 -17.48 -1.39 31.69
C LYS B 38 -17.23 -2.67 32.49
N GLN B 39 -15.97 -3.06 32.58
CA GLN B 39 -15.54 -4.25 33.31
C GLN B 39 -14.18 -3.95 33.91
N GLU B 40 -13.69 -4.86 34.74
CA GLU B 40 -12.37 -4.71 35.34
C GLU B 40 -11.41 -5.42 34.39
N GLY B 41 -10.14 -5.01 34.40
CA GLY B 41 -9.19 -5.67 33.54
C GLY B 41 -7.86 -4.98 33.43
N VAL B 42 -7.04 -5.49 32.51
CA VAL B 42 -5.71 -4.94 32.24
C VAL B 42 -5.74 -4.39 30.82
N PHE B 43 -5.37 -3.13 30.69
CA PHE B 43 -5.38 -2.43 29.42
C PHE B 43 -4.33 -2.96 28.43
N SER B 44 -4.72 -3.02 27.16
CA SER B 44 -3.82 -3.47 26.10
C SER B 44 -4.36 -2.99 24.75
N GLY B 45 -3.45 -2.53 23.89
CA GLY B 45 -3.85 -2.04 22.60
C GLY B 45 -3.40 -0.61 22.40
N GLU B 46 -2.71 -0.07 23.41
CA GLU B 46 -2.20 1.30 23.38
C GLU B 46 -1.43 1.62 22.12
N LYS B 47 -0.43 0.80 21.79
CA LYS B 47 0.36 1.05 20.58
C LYS B 47 -0.50 1.13 19.32
N TYR B 48 -1.47 0.24 19.19
CA TYR B 48 -2.34 0.24 18.01
C TYR B 48 -3.29 1.43 18.02
N ALA B 49 -3.84 1.73 19.20
CA ALA B 49 -4.77 2.84 19.34
C ALA B 49 -4.15 4.18 18.93
N LEU B 50 -2.96 4.46 19.46
CA LEU B 50 -2.28 5.72 19.15
C LEU B 50 -1.97 5.86 17.67
N GLU B 51 -1.50 4.78 17.04
CA GLU B 51 -1.21 4.84 15.62
C GLU B 51 -2.50 5.10 14.86
N LEU B 52 -3.58 4.43 15.29
CA LEU B 52 -4.89 4.61 14.66
C LEU B 52 -5.33 6.07 14.76
N LEU B 53 -5.23 6.65 15.95
CA LEU B 53 -5.64 8.03 16.13
C LEU B 53 -4.82 8.99 15.28
N GLU B 54 -3.50 8.80 15.28
CA GLU B 54 -2.63 9.66 14.51
C GLU B 54 -2.95 9.57 13.01
N MET B 55 -3.16 8.35 12.53
CA MET B 55 -3.47 8.14 11.11
C MET B 55 -4.73 8.88 10.67
N THR B 56 -5.75 8.91 11.53
CA THR B 56 -7.01 9.55 11.21
C THR B 56 -7.13 11.02 11.61
N GLY B 57 -6.04 11.61 12.10
CA GLY B 57 -6.10 13.01 12.48
C GLY B 57 -6.79 13.30 13.81
N ILE B 58 -6.87 12.30 14.68
CA ILE B 58 -7.49 12.46 15.98
C ILE B 58 -6.42 12.60 17.06
N GLU B 59 -6.58 13.59 17.93
CA GLU B 59 -5.60 13.79 18.98
C GLU B 59 -5.88 12.94 20.20
N CYS B 60 -4.83 12.37 20.76
CA CYS B 60 -4.97 11.58 21.96
C CYS B 60 -4.59 12.54 23.09
N VAL B 61 -5.58 12.99 23.84
CA VAL B 61 -5.34 13.92 24.94
C VAL B 61 -4.76 13.20 26.15
N GLN B 62 -5.35 12.05 26.49
CA GLN B 62 -4.90 11.24 27.62
C GLN B 62 -5.15 9.76 27.34
N THR B 63 -4.40 8.89 28.00
CA THR B 63 -4.56 7.44 27.88
C THR B 63 -3.82 6.70 28.97
N ILE B 64 -4.39 5.61 29.46
CA ILE B 64 -3.68 4.84 30.44
C ILE B 64 -2.68 4.04 29.61
N LYS B 65 -1.71 3.40 30.25
CA LYS B 65 -0.69 2.64 29.53
C LYS B 65 -0.97 1.14 29.50
N ASP B 66 -0.40 0.46 28.50
CA ASP B 66 -0.55 -0.98 28.38
C ASP B 66 -0.12 -1.60 29.71
N LYS B 67 -0.84 -2.64 30.14
CA LYS B 67 -0.55 -3.35 31.39
C LYS B 67 -1.20 -2.77 32.64
N GLU B 68 -1.69 -1.54 32.56
CA GLU B 68 -2.33 -0.94 33.72
C GLU B 68 -3.68 -1.57 34.00
N ARG B 69 -3.99 -1.76 35.28
CA ARG B 69 -5.26 -2.32 35.67
C ARG B 69 -6.30 -1.21 35.60
N PHE B 70 -7.56 -1.57 35.34
CA PHE B 70 -8.61 -0.56 35.29
C PHE B 70 -9.90 -1.17 35.84
N LYS B 71 -10.83 -0.31 36.23
CA LYS B 71 -12.10 -0.80 36.77
C LYS B 71 -13.27 -0.19 36.02
N PRO B 72 -14.47 -0.77 36.17
CA PRO B 72 -15.65 -0.23 35.49
C PRO B 72 -15.85 1.26 35.71
N LYS B 73 -16.26 1.96 34.66
CA LYS B 73 -16.49 3.41 34.68
C LYS B 73 -15.19 4.20 34.58
N ASP B 74 -14.06 3.49 34.61
CA ASP B 74 -12.76 4.14 34.48
C ASP B 74 -12.61 4.70 33.08
N ALA B 75 -12.08 5.92 32.97
CA ALA B 75 -11.86 6.53 31.67
C ALA B 75 -10.50 6.04 31.19
N LEU B 76 -10.50 5.24 30.12
CA LEU B 76 -9.25 4.69 29.60
C LEU B 76 -8.51 5.67 28.70
N MET B 77 -9.24 6.38 27.86
CA MET B 77 -8.62 7.34 26.94
C MET B 77 -9.49 8.56 26.75
N GLU B 78 -8.86 9.66 26.38
CA GLU B 78 -9.55 10.91 26.07
C GLU B 78 -9.04 11.34 24.70
N ILE B 79 -9.93 11.52 23.74
CA ILE B 79 -9.50 11.91 22.41
C ILE B 79 -10.28 13.09 21.88
N ARG B 80 -9.72 13.76 20.87
CA ARG B 80 -10.36 14.91 20.30
C ARG B 80 -10.08 15.01 18.80
N GLY B 81 -11.11 15.31 18.02
CA GLY B 81 -10.95 15.45 16.58
C GLY B 81 -12.29 15.74 15.95
N ASP B 82 -12.38 15.64 14.63
CA ASP B 82 -13.66 15.89 13.97
C ASP B 82 -14.69 14.85 14.38
N PHE B 83 -15.89 15.34 14.67
CA PHE B 83 -17.00 14.50 15.09
C PHE B 83 -17.19 13.31 14.14
N SER B 84 -17.21 13.59 12.84
CA SER B 84 -17.40 12.57 11.81
C SER B 84 -16.34 11.47 11.88
N MET B 85 -15.09 11.86 12.08
CA MET B 85 -13.99 10.92 12.16
C MET B 85 -14.07 10.08 13.45
N LEU B 86 -14.42 10.72 14.57
CA LEU B 86 -14.55 10.02 15.84
C LEU B 86 -15.53 8.87 15.66
N LEU B 87 -16.61 9.15 14.94
CA LEU B 87 -17.64 8.14 14.71
C LEU B 87 -17.17 7.09 13.69
N LYS B 88 -16.39 7.52 12.70
CA LYS B 88 -15.88 6.58 11.70
C LYS B 88 -14.84 5.62 12.28
N VAL B 89 -14.15 6.05 13.32
CA VAL B 89 -13.11 5.25 13.98
C VAL B 89 -13.55 4.49 15.24
N GLU B 90 -14.61 4.99 15.88
CA GLU B 90 -15.11 4.42 17.13
C GLU B 90 -15.09 2.89 17.27
N ARG B 91 -15.80 2.21 16.38
CA ARG B 91 -15.89 0.75 16.43
C ARG B 91 -14.52 0.09 16.24
N THR B 92 -13.74 0.58 15.29
CA THR B 92 -12.41 0.02 15.03
C THR B 92 -11.54 0.16 16.28
N LEU B 93 -11.61 1.33 16.88
CA LEU B 93 -10.84 1.63 18.09
C LEU B 93 -11.28 0.74 19.25
N LEU B 94 -12.58 0.67 19.50
CA LEU B 94 -13.09 -0.15 20.59
C LEU B 94 -12.84 -1.64 20.38
N ASN B 95 -13.09 -2.13 19.17
CA ASN B 95 -12.86 -3.55 18.89
C ASN B 95 -11.41 -3.97 19.19
N LEU B 96 -10.44 -3.18 18.74
CA LEU B 96 -9.06 -3.58 18.99
C LEU B 96 -8.70 -3.47 20.47
N LEU B 97 -9.25 -2.48 21.18
CA LEU B 97 -8.95 -2.35 22.60
C LEU B 97 -9.63 -3.45 23.41
N GLN B 98 -10.87 -3.79 23.06
CA GLN B 98 -11.59 -4.82 23.79
C GLN B 98 -11.00 -6.22 23.54
N HIS B 99 -10.53 -6.45 22.32
CA HIS B 99 -9.95 -7.75 22.00
C HIS B 99 -8.60 -7.87 22.68
N SER B 100 -7.72 -6.90 22.42
CA SER B 100 -6.38 -6.90 23.02
C SER B 100 -6.43 -6.98 24.55
N SER B 101 -7.32 -6.20 25.18
CA SER B 101 -7.42 -6.19 26.65
C SER B 101 -7.99 -7.51 27.18
N GLY B 102 -8.86 -8.12 26.38
CA GLY B 102 -9.43 -9.39 26.78
C GLY B 102 -8.33 -10.43 26.91
N ILE B 103 -7.42 -10.43 25.95
CA ILE B 103 -6.30 -11.37 25.96
C ILE B 103 -5.39 -11.06 27.15
N ALA B 104 -5.00 -9.80 27.28
CA ALA B 104 -4.13 -9.41 28.39
C ALA B 104 -4.75 -9.78 29.74
N THR B 105 -6.05 -9.57 29.87
CA THR B 105 -6.73 -9.87 31.13
C THR B 105 -6.74 -11.37 31.46
N LEU B 106 -7.18 -12.18 30.51
CA LEU B 106 -7.19 -13.63 30.72
C LEU B 106 -5.77 -14.05 31.04
N THR B 107 -4.81 -13.51 30.28
CA THR B 107 -3.40 -13.83 30.49
C THR B 107 -2.95 -13.50 31.92
N SER B 108 -3.30 -12.31 32.39
CA SER B 108 -2.91 -11.89 33.74
C SER B 108 -3.42 -12.86 34.80
N ARG B 109 -4.52 -13.54 34.51
CA ARG B 109 -5.07 -14.50 35.45
C ARG B 109 -4.23 -15.77 35.51
N PHE B 110 -3.69 -16.21 34.38
CA PHE B 110 -2.84 -17.39 34.38
C PHE B 110 -1.51 -17.03 35.08
N VAL B 111 -1.09 -15.78 34.88
CA VAL B 111 0.14 -15.29 35.49
C VAL B 111 0.00 -15.32 37.01
N GLU B 112 -1.17 -14.91 37.50
CA GLU B 112 -1.47 -14.90 38.92
C GLU B 112 -1.38 -16.32 39.46
N ALA B 113 -2.12 -17.23 38.85
CA ALA B 113 -2.14 -18.63 39.26
C ALA B 113 -0.72 -19.21 39.23
N LEU B 114 -0.01 -18.91 38.16
CA LEU B 114 1.36 -19.39 37.98
C LEU B 114 2.18 -19.04 39.23
N ASN B 115 2.00 -17.80 39.70
CA ASN B 115 2.68 -17.31 40.89
C ASN B 115 4.15 -17.73 40.98
N SER B 116 4.96 -17.14 40.10
CA SER B 116 6.39 -17.42 40.05
C SER B 116 7.12 -16.41 39.18
N HIS B 117 8.33 -16.04 39.58
CA HIS B 117 9.12 -15.10 38.80
C HIS B 117 10.27 -15.79 38.09
N LYS B 118 10.38 -17.10 38.29
CA LYS B 118 11.42 -17.88 37.64
C LYS B 118 10.89 -18.59 36.40
N VAL B 119 9.64 -19.03 36.47
CA VAL B 119 9.02 -19.72 35.35
C VAL B 119 8.27 -18.75 34.44
N ARG B 120 8.44 -18.93 33.14
CA ARG B 120 7.77 -18.08 32.15
C ARG B 120 6.51 -18.71 31.61
N LEU B 121 5.48 -17.88 31.43
CA LEU B 121 4.21 -18.33 30.87
C LEU B 121 4.31 -17.94 29.40
N LEU B 122 3.96 -18.86 28.50
CA LEU B 122 4.06 -18.61 27.07
C LEU B 122 2.79 -18.84 26.26
N ASP B 123 2.69 -18.15 25.13
CA ASP B 123 1.55 -18.35 24.25
C ASP B 123 1.95 -19.44 23.25
N THR B 124 1.24 -19.47 22.13
CA THR B 124 1.44 -20.52 21.13
C THR B 124 1.30 -19.94 19.70
N ARG B 125 1.35 -20.78 18.67
CA ARG B 125 1.14 -20.26 17.30
C ARG B 125 -0.36 -20.36 16.96
N LYS B 126 -1.18 -20.67 17.97
CA LYS B 126 -2.63 -20.73 17.79
C LYS B 126 -3.14 -19.32 17.98
N THR B 127 -3.21 -18.56 16.88
CA THR B 127 -3.68 -17.18 16.91
C THR B 127 -4.73 -17.04 15.83
N ARG B 128 -5.55 -15.99 15.92
CA ARG B 128 -6.59 -15.80 14.92
C ARG B 128 -5.97 -15.28 13.62
N PRO B 129 -6.51 -15.71 12.46
CA PRO B 129 -5.95 -15.25 11.19
C PRO B 129 -5.77 -13.74 11.13
N LEU B 130 -4.59 -13.35 10.64
CA LEU B 130 -4.18 -11.96 10.48
C LEU B 130 -3.85 -11.24 11.78
N LEU B 131 -4.02 -11.92 12.92
CA LEU B 131 -3.76 -11.30 14.22
C LEU B 131 -2.58 -11.88 15.00
N ARG B 132 -1.65 -12.56 14.32
CA ARG B 132 -0.50 -13.15 15.01
C ARG B 132 0.26 -12.12 15.84
N ILE B 133 0.74 -11.08 15.17
CA ILE B 133 1.50 -10.05 15.85
C ILE B 133 0.65 -9.30 16.88
N PHE B 134 -0.59 -8.99 16.53
CA PHE B 134 -1.50 -8.28 17.41
C PHE B 134 -1.70 -9.04 18.71
N GLU B 135 -2.03 -10.33 18.59
CA GLU B 135 -2.29 -11.14 19.77
C GLU B 135 -1.05 -11.49 20.59
N LYS B 136 0.10 -11.68 19.94
CA LYS B 136 1.32 -11.98 20.68
C LYS B 136 1.64 -10.75 21.55
N TYR B 137 1.40 -9.57 21.01
CA TYR B 137 1.65 -8.30 21.71
C TYR B 137 0.72 -8.16 22.90
N SER B 138 -0.51 -8.65 22.75
CA SER B 138 -1.50 -8.59 23.81
C SER B 138 -1.13 -9.48 25.00
N VAL B 139 -0.51 -10.63 24.71
CA VAL B 139 -0.11 -11.56 25.77
C VAL B 139 0.95 -10.91 26.66
N LEU B 140 1.86 -10.16 26.05
CA LEU B 140 2.90 -9.48 26.82
C LEU B 140 2.29 -8.53 27.82
N ASN B 141 1.29 -7.76 27.37
CA ASN B 141 0.66 -6.79 28.26
C ASN B 141 -0.09 -7.45 29.39
N GLY B 142 -0.23 -8.76 29.32
CA GLY B 142 -0.89 -9.49 30.38
C GLY B 142 0.15 -9.90 31.39
N GLY B 143 1.42 -9.64 31.08
CA GLY B 143 2.50 -9.98 31.98
C GLY B 143 3.21 -11.29 31.66
N ALA B 144 2.77 -11.99 30.62
CA ALA B 144 3.42 -13.25 30.27
C ALA B 144 4.52 -13.00 29.23
N SER B 145 4.97 -14.07 28.61
CA SER B 145 6.01 -14.00 27.59
C SER B 145 5.52 -14.63 26.31
N ASN B 146 6.21 -14.33 25.21
CA ASN B 146 5.83 -14.88 23.92
C ASN B 146 6.71 -16.06 23.55
N HIS B 147 6.13 -16.99 22.79
CA HIS B 147 6.90 -18.11 22.30
C HIS B 147 7.37 -17.57 20.94
N ARG B 148 7.88 -18.44 20.06
CA ARG B 148 8.34 -17.94 18.76
C ARG B 148 7.19 -17.21 18.06
N LEU B 149 7.51 -16.33 17.12
CA LEU B 149 6.49 -15.59 16.42
C LEU B 149 5.99 -16.25 15.14
N GLY B 150 6.75 -17.22 14.64
CA GLY B 150 6.35 -17.91 13.42
C GLY B 150 7.18 -19.14 13.06
N LEU B 151 7.06 -19.60 11.82
CA LEU B 151 7.82 -20.75 11.35
C LEU B 151 9.25 -20.39 10.95
N ASP B 152 9.55 -19.10 10.92
CA ASP B 152 10.87 -18.61 10.51
C ASP B 152 11.79 -18.27 11.70
N ASP B 153 11.15 -18.10 12.85
CA ASP B 153 11.78 -17.73 14.13
C ASP B 153 12.63 -18.83 14.78
N ALA B 154 12.14 -20.07 14.72
CA ALA B 154 12.83 -21.21 15.30
C ALA B 154 12.28 -22.46 14.66
N LEU B 155 12.98 -23.58 14.87
CA LEU B 155 12.58 -24.87 14.33
C LEU B 155 11.95 -25.70 15.44
N MET B 156 10.71 -26.14 15.24
CA MET B 156 10.03 -26.97 16.22
C MET B 156 9.62 -28.27 15.57
N LEU B 157 10.23 -29.37 16.02
CA LEU B 157 9.95 -30.69 15.49
C LEU B 157 9.05 -31.48 16.44
N LYS B 158 7.94 -31.98 15.93
CA LYS B 158 7.02 -32.77 16.74
C LYS B 158 6.77 -34.11 16.06
N ASP B 159 5.83 -34.89 16.60
CA ASP B 159 5.48 -36.21 16.08
C ASP B 159 5.47 -36.25 14.55
N THR B 160 4.69 -35.36 13.96
CA THR B 160 4.58 -35.29 12.50
C THR B 160 5.92 -35.28 11.78
N HIS B 161 6.86 -34.47 12.27
CA HIS B 161 8.19 -34.36 11.68
C HIS B 161 9.08 -35.54 12.04
N LEU B 162 9.15 -35.85 13.34
CA LEU B 162 9.99 -36.92 13.83
C LEU B 162 9.77 -38.29 13.17
N ARG B 163 8.52 -38.63 12.89
CA ARG B 163 8.23 -39.92 12.27
C ARG B 163 9.04 -40.18 11.02
N HIS B 164 9.57 -39.12 10.42
CA HIS B 164 10.35 -39.26 9.21
C HIS B 164 11.84 -39.00 9.42
N VAL B 165 12.29 -39.11 10.65
CA VAL B 165 13.71 -38.89 10.94
C VAL B 165 14.33 -40.16 11.53
N LYS B 166 15.17 -40.82 10.73
CA LYS B 166 15.83 -42.06 11.16
C LYS B 166 16.68 -41.88 12.39
N ASP B 167 17.67 -41.00 12.29
CA ASP B 167 18.62 -40.72 13.36
C ASP B 167 18.49 -39.25 13.78
N LEU B 168 17.84 -39.00 14.91
CA LEU B 168 17.62 -37.65 15.39
C LEU B 168 18.89 -36.85 15.64
N LYS B 169 19.89 -37.48 16.27
CA LYS B 169 21.15 -36.81 16.57
C LYS B 169 21.86 -36.38 15.29
N SER B 170 21.94 -37.30 14.34
CA SER B 170 22.56 -37.03 13.06
C SER B 170 21.81 -35.88 12.37
N PHE B 171 20.50 -36.00 12.31
CA PHE B 171 19.68 -34.97 11.68
C PHE B 171 19.95 -33.57 12.26
N LEU B 172 19.89 -33.44 13.59
CA LEU B 172 20.12 -32.15 14.21
C LEU B 172 21.53 -31.63 13.94
N THR B 173 22.51 -32.54 13.95
CA THR B 173 23.89 -32.14 13.73
C THR B 173 24.11 -31.55 12.34
N HIS B 174 23.51 -32.16 11.34
CA HIS B 174 23.69 -31.68 9.98
C HIS B 174 22.63 -30.67 9.57
N ALA B 175 21.72 -30.35 10.48
CA ALA B 175 20.69 -29.38 10.18
C ALA B 175 21.19 -27.97 10.50
N ARG B 176 22.12 -27.85 11.43
CA ARG B 176 22.60 -26.52 11.83
C ARG B 176 23.09 -25.69 10.66
N LYS B 177 23.85 -26.31 9.76
CA LYS B 177 24.39 -25.58 8.62
C LYS B 177 23.34 -25.08 7.66
N ASN B 178 22.16 -25.70 7.65
CA ASN B 178 21.12 -25.25 6.74
C ASN B 178 20.08 -24.36 7.39
N LEU B 179 20.28 -24.06 8.66
CA LEU B 179 19.38 -23.20 9.41
C LEU B 179 20.12 -21.90 9.71
N PRO B 180 19.39 -20.79 9.91
CA PRO B 180 20.11 -19.56 10.23
C PRO B 180 20.99 -19.84 11.45
N PHE B 181 22.22 -19.33 11.42
CA PHE B 181 23.19 -19.51 12.50
C PHE B 181 22.62 -19.34 13.92
N THR B 182 21.66 -18.43 14.07
CA THR B 182 21.09 -18.12 15.38
C THR B 182 19.88 -18.93 15.85
N ALA B 183 19.35 -19.81 15.01
CA ALA B 183 18.16 -20.55 15.39
C ALA B 183 18.33 -21.64 16.42
N LYS B 184 17.28 -21.82 17.24
CA LYS B 184 17.28 -22.88 18.23
C LYS B 184 16.36 -23.96 17.69
N ILE B 185 16.58 -25.19 18.14
CA ILE B 185 15.76 -26.31 17.71
C ILE B 185 15.08 -26.92 18.94
N GLU B 186 13.75 -26.97 18.89
CA GLU B 186 12.97 -27.54 19.98
C GLU B 186 12.33 -28.85 19.55
N ILE B 187 12.32 -29.83 20.44
CA ILE B 187 11.74 -31.12 20.13
C ILE B 187 10.57 -31.40 21.07
N GLU B 188 9.42 -31.77 20.51
CA GLU B 188 8.28 -32.10 21.35
C GLU B 188 8.38 -33.57 21.73
N CYS B 189 8.35 -33.84 23.04
CA CYS B 189 8.47 -35.19 23.56
C CYS B 189 7.27 -35.60 24.40
N GLU B 190 6.91 -36.88 24.32
CA GLU B 190 5.75 -37.40 25.04
C GLU B 190 6.12 -38.41 26.13
N SER B 191 7.41 -38.57 26.38
CA SER B 191 7.89 -39.48 27.42
C SER B 191 9.24 -39.04 27.91
N PHE B 192 9.64 -39.59 29.05
CA PHE B 192 10.94 -39.28 29.65
C PHE B 192 12.05 -39.74 28.70
N GLU B 193 11.89 -40.93 28.14
CA GLU B 193 12.87 -41.48 27.22
C GLU B 193 13.05 -40.50 26.05
N GLU B 194 11.93 -40.13 25.43
CA GLU B 194 11.98 -39.19 24.31
C GLU B 194 12.72 -37.91 24.69
N ALA B 195 12.40 -37.34 25.84
CA ALA B 195 13.06 -36.11 26.30
C ALA B 195 14.55 -36.33 26.44
N LYS B 196 14.92 -37.41 27.14
CA LYS B 196 16.32 -37.75 27.34
C LYS B 196 17.02 -37.92 26.00
N ASN B 197 16.39 -38.64 25.09
CA ASN B 197 16.95 -38.87 23.76
C ASN B 197 17.10 -37.58 22.96
N ALA B 198 16.15 -36.65 23.11
CA ALA B 198 16.21 -35.39 22.39
C ALA B 198 17.40 -34.58 22.89
N MET B 199 17.64 -34.63 24.20
CA MET B 199 18.76 -33.89 24.79
C MET B 199 20.08 -34.42 24.27
N ASN B 200 20.20 -35.74 24.20
CA ASN B 200 21.43 -36.34 23.69
C ASN B 200 21.59 -36.03 22.21
N ALA B 201 20.47 -35.96 21.48
CA ALA B 201 20.53 -35.67 20.05
C ALA B 201 20.93 -34.22 19.78
N GLY B 202 20.91 -33.39 20.81
CA GLY B 202 21.33 -32.00 20.64
C GLY B 202 20.27 -30.92 20.60
N ALA B 203 19.08 -31.20 21.10
CA ALA B 203 18.01 -30.20 21.12
C ALA B 203 18.37 -29.02 22.03
N ASP B 204 17.99 -27.82 21.61
CA ASP B 204 18.25 -26.62 22.41
C ASP B 204 17.13 -26.48 23.43
N ILE B 205 15.97 -27.00 23.06
CA ILE B 205 14.79 -26.92 23.90
C ILE B 205 13.99 -28.20 23.79
N VAL B 206 13.42 -28.64 24.89
CA VAL B 206 12.59 -29.83 24.90
C VAL B 206 11.21 -29.51 25.44
N MET B 207 10.18 -29.93 24.71
CA MET B 207 8.84 -29.68 25.19
C MET B 207 8.29 -30.94 25.84
N CYS B 208 7.88 -30.81 27.10
CA CYS B 208 7.31 -31.93 27.84
C CYS B 208 5.81 -31.85 27.57
N ASP B 209 5.39 -32.53 26.52
CA ASP B 209 4.01 -32.52 26.09
C ASP B 209 3.09 -33.54 26.77
N ASN B 210 1.97 -33.05 27.28
CA ASN B 210 0.98 -33.89 27.95
C ASN B 210 1.57 -34.89 28.93
N LEU B 211 2.37 -34.38 29.86
CA LEU B 211 2.98 -35.23 30.86
C LEU B 211 2.53 -34.76 32.24
N SER B 212 2.49 -35.70 33.18
CA SER B 212 2.08 -35.39 34.54
C SER B 212 3.15 -34.51 35.18
N VAL B 213 2.82 -33.91 36.32
CA VAL B 213 3.78 -33.06 37.01
C VAL B 213 4.98 -33.90 37.44
N LEU B 214 4.73 -35.09 37.94
CA LEU B 214 5.81 -35.98 38.37
C LEU B 214 6.69 -36.30 37.17
N GLU B 215 6.06 -36.75 36.09
CA GLU B 215 6.78 -37.07 34.86
C GLU B 215 7.66 -35.89 34.47
N THR B 216 7.07 -34.69 34.43
CA THR B 216 7.80 -33.49 34.07
C THR B 216 8.97 -33.23 35.02
N LYS B 217 8.74 -33.45 36.32
CA LYS B 217 9.78 -33.24 37.32
C LYS B 217 11.00 -34.12 37.05
N GLU B 218 10.76 -35.38 36.70
CA GLU B 218 11.85 -36.32 36.43
C GLU B 218 12.73 -35.81 35.30
N ILE B 219 12.09 -35.32 34.24
CA ILE B 219 12.79 -34.78 33.08
C ILE B 219 13.59 -33.55 33.48
N ALA B 220 12.98 -32.67 34.26
CA ALA B 220 13.66 -31.45 34.70
C ALA B 220 14.88 -31.79 35.53
N ALA B 221 14.74 -32.78 36.41
CA ALA B 221 15.85 -33.22 37.25
C ALA B 221 16.97 -33.78 36.39
N TYR B 222 16.60 -34.53 35.36
CA TYR B 222 17.60 -35.10 34.45
C TYR B 222 18.32 -33.96 33.73
N ARG B 223 17.55 -32.99 33.27
CA ARG B 223 18.11 -31.83 32.58
C ARG B 223 19.12 -31.13 33.47
N ASP B 224 18.71 -30.83 34.70
CA ASP B 224 19.59 -30.16 35.65
C ASP B 224 20.93 -30.88 35.83
N ALA B 225 20.89 -32.21 35.90
CA ALA B 225 22.11 -32.98 36.09
C ALA B 225 22.97 -33.20 34.84
N HIS B 226 22.35 -33.43 33.69
CA HIS B 226 23.12 -33.69 32.48
C HIS B 226 23.10 -32.67 31.34
N TYR B 227 22.06 -31.86 31.23
CA TYR B 227 22.00 -30.85 30.17
C TYR B 227 21.49 -29.54 30.72
N PRO B 228 22.25 -28.94 31.64
CA PRO B 228 21.91 -27.67 32.30
C PRO B 228 21.48 -26.51 31.42
N PHE B 229 22.01 -26.45 30.20
CA PHE B 229 21.67 -25.34 29.31
C PHE B 229 20.55 -25.60 28.31
N VAL B 230 19.94 -26.78 28.43
CA VAL B 230 18.82 -27.11 27.57
C VAL B 230 17.61 -26.49 28.27
N LEU B 231 16.75 -25.83 27.51
CA LEU B 231 15.56 -25.17 28.06
C LEU B 231 14.40 -26.14 28.08
N LEU B 232 13.60 -26.09 29.14
CA LEU B 232 12.45 -26.99 29.25
C LEU B 232 11.13 -26.25 29.25
N GLU B 233 10.19 -26.77 28.47
CA GLU B 233 8.87 -26.17 28.36
C GLU B 233 7.82 -27.24 28.62
N ALA B 234 6.80 -26.88 29.39
CA ALA B 234 5.71 -27.80 29.67
C ALA B 234 4.48 -27.28 28.95
N SER B 235 3.67 -28.18 28.41
CA SER B 235 2.45 -27.77 27.73
C SER B 235 1.51 -28.93 27.50
N GLY B 236 0.31 -28.61 27.02
CA GLY B 236 -0.67 -29.64 26.77
C GLY B 236 -1.87 -29.53 27.69
N ASN B 237 -2.80 -28.66 27.33
CA ASN B 237 -4.02 -28.44 28.09
C ASN B 237 -3.80 -28.02 29.55
N ILE B 238 -2.80 -27.19 29.80
CA ILE B 238 -2.54 -26.73 31.17
C ILE B 238 -3.64 -25.73 31.51
N SER B 239 -4.26 -25.89 32.67
CA SER B 239 -5.34 -25.00 33.08
C SER B 239 -4.96 -24.09 34.23
N LEU B 240 -5.88 -23.22 34.63
CA LEU B 240 -5.64 -22.31 35.75
C LEU B 240 -5.49 -23.15 37.00
N GLU B 241 -6.12 -24.32 37.00
CA GLU B 241 -6.08 -25.21 38.15
C GLU B 241 -4.76 -25.95 38.31
N SER B 242 -4.22 -26.49 37.21
CA SER B 242 -2.96 -27.23 37.26
C SER B 242 -1.69 -26.41 37.04
N ILE B 243 -1.85 -25.21 36.49
CA ILE B 243 -0.72 -24.34 36.19
C ILE B 243 0.29 -24.16 37.33
N ASN B 244 -0.19 -23.89 38.54
CA ASN B 244 0.72 -23.69 39.66
C ASN B 244 1.56 -24.91 39.97
N ALA B 245 0.94 -26.09 39.94
CA ALA B 245 1.64 -27.34 40.19
C ALA B 245 2.76 -27.55 39.18
N TYR B 246 2.52 -27.17 37.92
CA TYR B 246 3.54 -27.32 36.89
C TYR B 246 4.70 -26.36 37.08
N ALA B 247 4.39 -25.18 37.62
CA ALA B 247 5.42 -24.17 37.85
C ALA B 247 6.45 -24.67 38.86
N LYS B 248 6.13 -25.77 39.53
CA LYS B 248 7.01 -26.32 40.54
C LYS B 248 7.78 -27.56 40.08
N SER B 249 7.58 -27.95 38.82
CA SER B 249 8.25 -29.11 38.26
C SER B 249 9.72 -28.87 37.93
N GLY B 250 10.11 -27.61 37.84
CA GLY B 250 11.50 -27.29 37.52
C GLY B 250 11.66 -26.88 36.06
N VAL B 251 10.56 -26.93 35.31
CA VAL B 251 10.57 -26.56 33.90
C VAL B 251 10.82 -25.05 33.81
N ASP B 252 11.38 -24.57 32.70
CA ASP B 252 11.66 -23.14 32.55
C ASP B 252 10.46 -22.34 32.07
N ALA B 253 9.56 -22.99 31.36
CA ALA B 253 8.40 -22.31 30.85
C ALA B 253 7.19 -23.22 30.74
N ILE B 254 6.03 -22.58 30.62
CA ILE B 254 4.76 -23.29 30.50
C ILE B 254 3.96 -22.55 29.43
N SER B 255 3.64 -23.23 28.34
CA SER B 255 2.87 -22.59 27.28
C SER B 255 1.43 -23.04 27.34
N VAL B 256 0.53 -22.11 27.04
CA VAL B 256 -0.90 -22.38 27.05
C VAL B 256 -1.54 -21.53 25.96
N GLY B 257 -1.96 -22.18 24.88
CA GLY B 257 -2.56 -21.47 23.77
C GLY B 257 -3.85 -20.76 24.13
N ALA B 258 -4.54 -21.29 25.13
CA ALA B 258 -5.79 -20.74 25.59
C ALA B 258 -5.65 -19.27 25.96
N LEU B 259 -4.46 -18.84 26.34
CA LEU B 259 -4.26 -17.44 26.70
C LEU B 259 -4.83 -16.59 25.56
N ILE B 260 -4.65 -17.06 24.34
CA ILE B 260 -5.15 -16.33 23.19
C ILE B 260 -6.45 -16.88 22.61
N HIS B 261 -6.53 -18.19 22.39
CA HIS B 261 -7.74 -18.73 21.77
C HIS B 261 -8.98 -18.91 22.65
N GLN B 262 -8.86 -18.63 23.95
CA GLN B 262 -10.01 -18.73 24.84
C GLN B 262 -10.29 -17.36 25.46
N ALA B 263 -9.60 -16.33 24.97
CA ALA B 263 -9.81 -14.97 25.47
C ALA B 263 -11.03 -14.37 24.77
N THR B 264 -11.72 -13.44 25.45
CA THR B 264 -12.88 -12.80 24.87
C THR B 264 -12.84 -11.32 25.14
N PHE B 265 -13.72 -10.58 24.47
CA PHE B 265 -13.79 -9.13 24.62
C PHE B 265 -14.05 -8.66 26.05
N ILE B 266 -13.33 -7.61 26.46
CA ILE B 266 -13.53 -6.97 27.74
C ILE B 266 -14.51 -5.89 27.31
N ASP B 267 -15.54 -5.64 28.11
CA ASP B 267 -16.55 -4.65 27.75
C ASP B 267 -16.14 -3.19 27.96
N MET B 268 -16.31 -2.38 26.91
CA MET B 268 -15.98 -0.95 26.95
C MET B 268 -16.94 -0.23 26.01
N HIS B 269 -16.89 1.09 26.01
CA HIS B 269 -17.72 1.89 25.11
C HIS B 269 -17.11 3.29 25.04
N MET B 270 -17.59 4.10 24.09
CA MET B 270 -17.10 5.45 23.91
C MET B 270 -18.25 6.42 24.22
N LYS B 271 -17.93 7.49 24.94
CA LYS B 271 -18.92 8.51 25.32
C LYS B 271 -18.46 9.90 24.89
N MET B 272 -19.41 10.71 24.46
CA MET B 272 -19.13 12.07 24.00
C MET B 272 -19.15 13.12 25.10
N ALA B 273 -19.38 14.37 24.69
CA ALA B 273 -19.47 15.52 25.58
C ALA B 273 -18.28 15.62 26.53
N MET C 1 -6.79 8.38 4.78
CA MET C 1 -7.77 8.98 3.84
C MET C 1 -8.42 7.89 2.99
N GLU C 2 -9.75 7.87 2.95
CA GLU C 2 -10.48 6.86 2.18
C GLU C 2 -10.17 6.86 0.68
N ILE C 3 -9.76 8.00 0.14
CA ILE C 3 -9.48 8.08 -1.30
C ILE C 3 -8.01 8.33 -1.62
N ARG C 4 -7.18 8.31 -0.58
CA ARG C 4 -5.73 8.53 -0.69
C ARG C 4 -5.11 7.55 -1.69
N THR C 5 -5.47 6.27 -1.58
CA THR C 5 -4.95 5.25 -2.49
C THR C 5 -5.32 5.57 -3.94
N PHE C 6 -6.56 5.95 -4.17
CA PHE C 6 -7.05 6.32 -5.49
C PHE C 6 -6.10 7.35 -6.12
N LEU C 7 -5.79 8.40 -5.38
CA LEU C 7 -4.91 9.45 -5.88
C LEU C 7 -3.48 8.98 -6.12
N GLU C 8 -2.96 8.11 -5.27
CA GLU C 8 -1.61 7.60 -5.46
C GLU C 8 -1.54 6.88 -6.81
N ARG C 9 -2.52 6.03 -7.07
CA ARG C 9 -2.58 5.27 -8.31
C ARG C 9 -2.76 6.16 -9.54
N ALA C 10 -3.55 7.22 -9.42
CA ALA C 10 -3.76 8.12 -10.54
C ALA C 10 -2.46 8.83 -10.91
N LEU C 11 -1.74 9.28 -9.89
CA LEU C 11 -0.48 9.99 -10.11
C LEU C 11 0.59 9.03 -10.62
N LYS C 12 0.61 7.82 -10.08
CA LYS C 12 1.61 6.82 -10.45
C LYS C 12 1.59 6.42 -11.93
N GLU C 13 0.40 6.29 -12.50
CA GLU C 13 0.27 5.89 -13.90
C GLU C 13 0.77 6.96 -14.87
N ASP C 14 0.93 8.20 -14.40
CA ASP C 14 1.40 9.28 -15.26
C ASP C 14 2.91 9.53 -15.09
N LEU C 15 3.42 9.26 -13.88
CA LEU C 15 4.84 9.45 -13.64
C LEU C 15 5.67 8.25 -14.12
N GLY C 16 5.08 7.06 -14.10
CA GLY C 16 5.80 5.89 -14.55
C GLY C 16 7.15 5.73 -13.87
N HIS C 17 8.22 5.59 -14.65
CA HIS C 17 9.57 5.43 -14.12
C HIS C 17 10.03 6.69 -13.41
N GLY C 18 9.40 7.81 -13.74
CA GLY C 18 9.75 9.08 -13.14
C GLY C 18 9.65 10.20 -14.17
N ASP C 19 9.17 11.36 -13.74
CA ASP C 19 9.00 12.51 -14.61
C ASP C 19 10.36 12.86 -15.24
N LEU C 20 10.39 13.13 -16.54
CA LEU C 20 11.66 13.47 -17.17
C LEU C 20 12.09 14.92 -16.95
N PHE C 21 11.12 15.84 -16.83
CA PHE C 21 11.49 17.23 -16.65
C PHE C 21 12.37 17.47 -15.42
N GLU C 22 11.98 16.92 -14.27
CA GLU C 22 12.78 17.14 -13.06
C GLU C 22 14.24 16.75 -13.24
N ARG C 23 14.50 15.89 -14.23
CA ARG C 23 15.87 15.46 -14.49
C ARG C 23 16.70 16.60 -15.09
N VAL C 24 16.03 17.55 -15.75
CA VAL C 24 16.74 18.64 -16.41
C VAL C 24 16.59 20.01 -15.75
N LEU C 25 15.57 20.17 -14.89
CA LEU C 25 15.37 21.45 -14.22
C LEU C 25 16.58 21.68 -13.33
N GLU C 26 17.43 22.62 -13.70
CA GLU C 26 18.64 22.93 -12.94
C GLU C 26 18.37 23.41 -11.52
N LYS C 27 17.33 24.21 -11.35
CA LYS C 27 17.00 24.73 -10.03
C LYS C 27 15.48 24.75 -9.83
N ASP C 28 15.02 24.17 -8.73
CA ASP C 28 13.58 24.15 -8.44
C ASP C 28 13.28 25.37 -7.59
N PHE C 29 12.01 25.76 -7.52
CA PHE C 29 11.62 26.94 -6.76
C PHE C 29 10.13 26.92 -6.48
N LYS C 30 9.71 27.67 -5.47
CA LYS C 30 8.31 27.77 -5.09
C LYS C 30 7.58 28.60 -6.15
N ALA C 31 6.41 28.14 -6.58
CA ALA C 31 5.64 28.86 -7.58
C ALA C 31 4.15 28.72 -7.35
N THR C 32 3.37 29.59 -7.98
CA THR C 32 1.91 29.58 -7.85
C THR C 32 1.27 29.30 -9.20
N ALA C 33 0.14 28.60 -9.18
CA ALA C 33 -0.57 28.29 -10.41
C ALA C 33 -2.07 28.43 -10.18
N PHE C 34 -2.81 28.67 -11.27
CA PHE C 34 -4.26 28.81 -11.18
C PHE C 34 -4.95 27.83 -12.11
N VAL C 35 -6.05 27.26 -11.63
CA VAL C 35 -6.82 26.33 -12.43
C VAL C 35 -8.00 27.17 -12.91
N ARG C 36 -8.06 27.42 -14.22
CA ARG C 36 -9.14 28.24 -14.79
C ARG C 36 -10.05 27.45 -15.72
N ALA C 37 -11.30 27.89 -15.79
CA ALA C 37 -12.28 27.25 -16.64
C ALA C 37 -12.26 27.84 -18.05
N LYS C 38 -12.67 27.04 -19.02
CA LYS C 38 -12.72 27.47 -20.41
C LYS C 38 -14.14 27.17 -20.89
N GLN C 39 -14.96 26.78 -19.91
CA GLN C 39 -16.36 26.45 -20.12
C GLN C 39 -17.08 26.78 -18.83
N GLU C 40 -18.39 26.66 -18.86
CA GLU C 40 -19.20 26.91 -17.68
C GLU C 40 -19.81 25.58 -17.26
N GLY C 41 -20.03 25.42 -15.96
CA GLY C 41 -20.62 24.20 -15.46
C GLY C 41 -20.54 24.21 -13.95
N VAL C 42 -20.89 23.09 -13.32
CA VAL C 42 -20.83 23.01 -11.87
C VAL C 42 -19.53 22.31 -11.49
N PHE C 43 -18.89 22.80 -10.44
CA PHE C 43 -17.61 22.27 -9.97
C PHE C 43 -17.79 20.96 -9.20
N SER C 44 -16.82 20.07 -9.34
CA SER C 44 -16.84 18.78 -8.64
C SER C 44 -15.41 18.26 -8.62
N GLY C 45 -15.07 17.48 -7.60
CA GLY C 45 -13.72 16.96 -7.50
C GLY C 45 -12.91 17.65 -6.41
N GLU C 46 -13.55 18.59 -5.72
CA GLU C 46 -12.90 19.35 -4.65
C GLU C 46 -12.25 18.42 -3.64
N LYS C 47 -13.02 17.44 -3.18
CA LYS C 47 -12.54 16.49 -2.20
C LYS C 47 -11.27 15.76 -2.65
N TYR C 48 -11.26 15.25 -3.88
CA TYR C 48 -10.09 14.54 -4.41
C TYR C 48 -8.91 15.47 -4.66
N ALA C 49 -9.17 16.65 -5.20
CA ALA C 49 -8.10 17.61 -5.49
C ALA C 49 -7.36 18.06 -4.24
N LEU C 50 -8.08 18.31 -3.15
CA LEU C 50 -7.45 18.75 -1.92
C LEU C 50 -6.56 17.64 -1.35
N GLU C 51 -7.08 16.42 -1.36
CA GLU C 51 -6.28 15.30 -0.87
C GLU C 51 -5.03 15.13 -1.77
N LEU C 52 -5.20 15.37 -3.07
CA LEU C 52 -4.09 15.25 -4.01
C LEU C 52 -2.96 16.23 -3.71
N LEU C 53 -3.32 17.48 -3.46
CA LEU C 53 -2.32 18.51 -3.16
C LEU C 53 -1.67 18.24 -1.81
N GLU C 54 -2.47 17.80 -0.86
CA GLU C 54 -2.01 17.46 0.48
C GLU C 54 -0.92 16.40 0.37
N MET C 55 -1.22 15.34 -0.38
CA MET C 55 -0.31 14.22 -0.59
C MET C 55 1.00 14.65 -1.24
N THR C 56 0.89 15.54 -2.22
CA THR C 56 2.06 15.99 -2.96
C THR C 56 2.79 17.19 -2.39
N GLY C 57 2.31 17.69 -1.25
CA GLY C 57 2.95 18.83 -0.61
C GLY C 57 2.68 20.17 -1.27
N ILE C 58 1.62 20.26 -2.07
CA ILE C 58 1.26 21.51 -2.72
C ILE C 58 0.22 22.20 -1.85
N GLU C 59 0.35 23.51 -1.70
CA GLU C 59 -0.57 24.29 -0.88
C GLU C 59 -1.79 24.79 -1.64
N CYS C 60 -2.97 24.55 -1.11
CA CYS C 60 -4.17 25.03 -1.76
C CYS C 60 -4.50 26.39 -1.15
N VAL C 61 -4.11 27.45 -1.85
CA VAL C 61 -4.36 28.81 -1.39
C VAL C 61 -5.85 29.15 -1.41
N GLN C 62 -6.49 28.89 -2.53
CA GLN C 62 -7.92 29.17 -2.68
C GLN C 62 -8.58 28.18 -3.63
N THR C 63 -9.87 27.96 -3.44
CA THR C 63 -10.63 27.05 -4.30
C THR C 63 -12.13 27.24 -4.12
N ILE C 64 -12.87 27.15 -5.22
CA ILE C 64 -14.31 27.27 -5.12
C ILE C 64 -14.72 25.93 -4.54
N LYS C 65 -15.99 25.79 -4.18
CA LYS C 65 -16.44 24.56 -3.56
C LYS C 65 -17.27 23.70 -4.51
N ASP C 66 -17.42 22.42 -4.17
CA ASP C 66 -18.21 21.50 -4.98
C ASP C 66 -19.61 22.10 -5.09
N LYS C 67 -20.29 21.83 -6.19
CA LYS C 67 -21.64 22.33 -6.45
C LYS C 67 -21.68 23.77 -6.95
N GLU C 68 -20.61 24.53 -6.74
CA GLU C 68 -20.57 25.93 -7.19
C GLU C 68 -20.51 26.06 -8.71
N ARG C 69 -21.31 26.98 -9.22
CA ARG C 69 -21.36 27.24 -10.66
C ARG C 69 -20.16 28.09 -11.02
N PHE C 70 -19.74 28.02 -12.28
CA PHE C 70 -18.61 28.80 -12.76
C PHE C 70 -18.77 29.02 -14.26
N LYS C 71 -18.01 29.97 -14.80
CA LYS C 71 -18.07 30.27 -16.22
C LYS C 71 -16.68 30.50 -16.79
N PRO C 72 -16.56 30.45 -18.13
CA PRO C 72 -15.26 30.66 -18.77
C PRO C 72 -14.42 31.80 -18.19
N LYS C 73 -13.13 31.52 -18.03
CA LYS C 73 -12.14 32.46 -17.49
C LYS C 73 -12.08 32.51 -15.96
N ASP C 74 -13.01 31.84 -15.29
CA ASP C 74 -13.00 31.84 -13.83
C ASP C 74 -11.82 31.06 -13.28
N ALA C 75 -11.19 31.62 -12.26
CA ALA C 75 -10.07 30.96 -11.60
C ALA C 75 -10.69 30.05 -10.55
N LEU C 76 -10.69 28.76 -10.81
CA LEU C 76 -11.27 27.77 -9.90
C LEU C 76 -10.38 27.44 -8.71
N MET C 77 -9.07 27.45 -8.91
CA MET C 77 -8.15 27.14 -7.82
C MET C 77 -6.84 27.90 -7.94
N GLU C 78 -6.25 28.18 -6.78
CA GLU C 78 -4.95 28.85 -6.70
C GLU C 78 -4.13 27.88 -5.85
N ILE C 79 -2.98 27.46 -6.37
CA ILE C 79 -2.15 26.52 -5.64
C ILE C 79 -0.70 26.98 -5.64
N ARG C 80 0.06 26.55 -4.64
CA ARG C 80 1.44 26.95 -4.52
C ARG C 80 2.32 25.81 -4.01
N GLY C 81 3.51 25.70 -4.58
CA GLY C 81 4.44 24.66 -4.17
C GLY C 81 5.64 24.60 -5.08
N ASP C 82 6.44 23.55 -4.96
CA ASP C 82 7.61 23.41 -5.81
C ASP C 82 7.18 23.34 -7.27
N PHE C 83 7.89 24.09 -8.10
CA PHE C 83 7.64 24.17 -9.53
C PHE C 83 7.59 22.77 -10.17
N SER C 84 8.56 21.93 -9.85
CA SER C 84 8.61 20.58 -10.40
C SER C 84 7.37 19.79 -10.03
N MET C 85 6.91 19.94 -8.78
CA MET C 85 5.75 19.19 -8.32
C MET C 85 4.47 19.67 -8.98
N LEU C 86 4.34 20.99 -9.20
CA LEU C 86 3.15 21.53 -9.84
C LEU C 86 3.00 20.97 -11.25
N LEU C 87 4.12 20.80 -11.94
CA LEU C 87 4.11 20.28 -13.30
C LEU C 87 3.83 18.77 -13.31
N LYS C 88 4.35 18.07 -12.29
CA LYS C 88 4.15 16.64 -12.17
C LYS C 88 2.71 16.26 -11.84
N VAL C 89 1.98 17.14 -11.16
CA VAL C 89 0.59 16.85 -10.78
C VAL C 89 -0.43 17.52 -11.69
N GLU C 90 0.01 18.51 -12.46
CA GLU C 90 -0.87 19.27 -13.35
C GLU C 90 -1.97 18.45 -14.02
N ARG C 91 -1.57 17.53 -14.89
CA ARG C 91 -2.49 16.69 -15.64
C ARG C 91 -3.41 15.86 -14.76
N THR C 92 -2.85 15.27 -13.70
CA THR C 92 -3.66 14.44 -12.81
C THR C 92 -4.74 15.30 -12.16
N LEU C 93 -4.36 16.52 -11.79
CA LEU C 93 -5.30 17.45 -11.15
C LEU C 93 -6.42 17.83 -12.13
N LEU C 94 -6.04 18.34 -13.29
CA LEU C 94 -7.02 18.75 -14.28
C LEU C 94 -7.92 17.60 -14.75
N ASN C 95 -7.35 16.44 -15.01
CA ASN C 95 -8.18 15.34 -15.49
C ASN C 95 -9.30 14.97 -14.52
N LEU C 96 -9.00 14.89 -13.24
CA LEU C 96 -10.04 14.53 -12.28
C LEU C 96 -11.07 15.65 -12.09
N LEU C 97 -10.62 16.91 -12.13
CA LEU C 97 -11.56 18.02 -11.99
C LEU C 97 -12.45 18.10 -13.23
N GLN C 98 -11.83 18.01 -14.41
CA GLN C 98 -12.58 18.10 -15.66
C GLN C 98 -13.55 16.94 -15.83
N HIS C 99 -13.16 15.76 -15.37
CA HIS C 99 -14.02 14.61 -15.49
C HIS C 99 -15.12 14.66 -14.47
N SER C 100 -14.76 15.00 -13.23
CA SER C 100 -15.74 15.09 -12.16
C SER C 100 -16.75 16.19 -12.45
N SER C 101 -16.26 17.37 -12.83
CA SER C 101 -17.14 18.50 -13.13
C SER C 101 -18.03 18.15 -14.31
N GLY C 102 -17.49 17.40 -15.26
CA GLY C 102 -18.26 17.01 -16.42
C GLY C 102 -19.51 16.25 -16.03
N ILE C 103 -19.38 15.35 -15.06
CA ILE C 103 -20.52 14.56 -14.61
C ILE C 103 -21.51 15.41 -13.81
N ALA C 104 -21.00 16.25 -12.93
CA ALA C 104 -21.86 17.10 -12.12
C ALA C 104 -22.63 18.07 -13.02
N THR C 105 -21.94 18.65 -13.99
CA THR C 105 -22.58 19.60 -14.91
C THR C 105 -23.68 18.95 -15.74
N LEU C 106 -23.40 17.78 -16.30
CA LEU C 106 -24.41 17.08 -17.08
C LEU C 106 -25.55 16.69 -16.15
N THR C 107 -25.20 16.36 -14.91
CA THR C 107 -26.21 15.98 -13.94
C THR C 107 -27.13 17.15 -13.59
N SER C 108 -26.57 18.35 -13.48
CA SER C 108 -27.37 19.52 -13.13
C SER C 108 -28.41 19.86 -14.20
N ARG C 109 -28.12 19.51 -15.45
CA ARG C 109 -29.06 19.77 -16.53
C ARG C 109 -30.25 18.84 -16.40
N PHE C 110 -29.99 17.59 -16.06
CA PHE C 110 -31.09 16.64 -15.86
C PHE C 110 -31.88 17.05 -14.62
N VAL C 111 -31.21 17.72 -13.69
CA VAL C 111 -31.86 18.18 -12.47
C VAL C 111 -32.90 19.23 -12.85
N GLU C 112 -32.53 20.11 -13.78
CA GLU C 112 -33.44 21.16 -14.23
C GLU C 112 -34.66 20.54 -14.89
N ALA C 113 -34.44 19.90 -16.04
CA ALA C 113 -35.52 19.27 -16.79
C ALA C 113 -36.47 18.48 -15.90
N LEU C 114 -35.96 18.00 -14.76
CA LEU C 114 -36.78 17.24 -13.83
C LEU C 114 -37.67 18.24 -13.10
N ASN C 115 -37.06 19.32 -12.60
CA ASN C 115 -37.76 20.39 -11.90
C ASN C 115 -38.76 19.86 -10.87
N SER C 116 -38.24 19.32 -9.77
CA SER C 116 -39.10 18.76 -8.72
C SER C 116 -38.32 18.48 -7.43
N HIS C 117 -39.00 18.61 -6.31
CA HIS C 117 -38.40 18.35 -5.00
C HIS C 117 -39.04 17.11 -4.39
N LYS C 118 -40.07 16.60 -5.07
CA LYS C 118 -40.78 15.42 -4.60
C LYS C 118 -40.24 14.17 -5.29
N VAL C 119 -39.44 14.37 -6.32
CA VAL C 119 -38.86 13.27 -7.08
C VAL C 119 -37.34 13.33 -7.04
N ARG C 120 -36.72 12.17 -6.82
CA ARG C 120 -35.26 12.08 -6.76
C ARG C 120 -34.64 11.57 -8.06
N LEU C 121 -33.57 12.23 -8.48
CA LEU C 121 -32.83 11.84 -9.68
C LEU C 121 -31.77 10.86 -9.18
N LEU C 122 -31.67 9.69 -9.80
CA LEU C 122 -30.70 8.67 -9.39
C LEU C 122 -29.76 8.21 -10.49
N ASP C 123 -28.55 7.82 -10.11
CA ASP C 123 -27.59 7.31 -11.08
C ASP C 123 -27.76 5.79 -11.16
N THR C 124 -26.73 5.09 -11.61
CA THR C 124 -26.78 3.64 -11.80
C THR C 124 -25.44 2.99 -11.44
N ARG C 125 -25.33 1.67 -11.60
CA ARG C 125 -24.07 0.97 -11.35
C ARG C 125 -23.26 0.99 -12.65
N LYS C 126 -23.75 1.72 -13.64
CA LYS C 126 -23.05 1.86 -14.91
C LYS C 126 -22.04 2.98 -14.74
N THR C 127 -20.82 2.61 -14.41
CA THR C 127 -19.76 3.57 -14.18
C THR C 127 -18.47 3.05 -14.79
N ARG C 128 -17.51 3.94 -14.98
CA ARG C 128 -16.25 3.55 -15.55
C ARG C 128 -15.44 2.74 -14.56
N PRO C 129 -14.73 1.70 -15.05
CA PRO C 129 -13.93 0.87 -14.14
C PRO C 129 -13.02 1.67 -13.22
N LEU C 130 -12.97 1.24 -11.96
CA LEU C 130 -12.16 1.86 -10.91
C LEU C 130 -12.64 3.26 -10.49
N LEU C 131 -13.70 3.74 -11.12
CA LEU C 131 -14.21 5.07 -10.81
C LEU C 131 -15.60 5.13 -10.19
N ARG C 132 -16.09 4.01 -9.68
CA ARG C 132 -17.43 4.05 -9.10
C ARG C 132 -17.65 5.12 -8.06
N ILE C 133 -16.94 4.98 -6.95
CA ILE C 133 -17.04 5.92 -5.85
C ILE C 133 -16.83 7.34 -6.35
N PHE C 134 -15.82 7.50 -7.22
CA PHE C 134 -15.50 8.80 -7.79
C PHE C 134 -16.67 9.39 -8.57
N GLU C 135 -17.31 8.57 -9.38
CA GLU C 135 -18.41 9.06 -10.21
C GLU C 135 -19.76 9.23 -9.47
N LYS C 136 -20.00 8.41 -8.45
CA LYS C 136 -21.23 8.54 -7.68
C LYS C 136 -21.11 9.85 -6.90
N TYR C 137 -19.91 10.14 -6.43
CA TYR C 137 -19.64 11.36 -5.68
C TYR C 137 -19.83 12.55 -6.61
N SER C 138 -19.40 12.40 -7.86
CA SER C 138 -19.51 13.47 -8.84
C SER C 138 -20.99 13.80 -9.13
N VAL C 139 -21.83 12.77 -9.19
CA VAL C 139 -23.24 12.98 -9.45
C VAL C 139 -23.88 13.82 -8.34
N LEU C 140 -23.54 13.52 -7.09
CA LEU C 140 -24.09 14.27 -5.96
C LEU C 140 -23.83 15.76 -6.14
N ASN C 141 -22.60 16.09 -6.53
CA ASN C 141 -22.22 17.47 -6.72
C ASN C 141 -22.98 18.11 -7.87
N GLY C 142 -23.78 17.31 -8.56
CA GLY C 142 -24.57 17.81 -9.67
C GLY C 142 -25.95 18.16 -9.16
N GLY C 143 -26.21 17.79 -7.91
CA GLY C 143 -27.50 18.06 -7.29
C GLY C 143 -28.41 16.85 -7.24
N ALA C 144 -28.04 15.76 -7.89
CA ALA C 144 -28.90 14.58 -7.88
C ALA C 144 -28.61 13.67 -6.68
N SER C 145 -29.17 12.46 -6.71
CA SER C 145 -28.98 11.51 -5.62
C SER C 145 -28.36 10.22 -6.17
N ASN C 146 -27.68 9.48 -5.30
CA ASN C 146 -27.06 8.22 -5.71
C ASN C 146 -27.97 7.04 -5.47
N HIS C 147 -27.79 6.00 -6.28
CA HIS C 147 -28.54 4.77 -6.11
C HIS C 147 -27.57 3.95 -5.25
N ARG C 148 -27.76 2.63 -5.16
CA ARG C 148 -26.85 1.83 -4.34
C ARG C 148 -25.41 1.98 -4.86
N LEU C 149 -24.43 1.73 -4.01
CA LEU C 149 -23.04 1.86 -4.41
C LEU C 149 -22.45 0.58 -5.03
N GLY C 150 -23.04 -0.56 -4.72
CA GLY C 150 -22.54 -1.82 -5.26
C GLY C 150 -23.53 -2.96 -5.13
N LEU C 151 -23.03 -4.19 -5.19
CA LEU C 151 -23.88 -5.37 -5.08
C LEU C 151 -24.05 -5.81 -3.64
N ASP C 152 -23.34 -5.14 -2.72
CA ASP C 152 -23.41 -5.48 -1.30
C ASP C 152 -24.34 -4.53 -0.54
N ASP C 153 -24.55 -3.38 -1.16
CA ASP C 153 -25.39 -2.30 -0.65
C ASP C 153 -26.88 -2.67 -0.52
N ALA C 154 -27.37 -3.44 -1.50
CA ALA C 154 -28.77 -3.85 -1.51
C ALA C 154 -28.97 -4.95 -2.56
N LEU C 155 -30.11 -5.64 -2.47
CA LEU C 155 -30.42 -6.72 -3.40
C LEU C 155 -31.36 -6.23 -4.50
N MET C 156 -30.90 -6.27 -5.75
CA MET C 156 -31.72 -5.83 -6.86
C MET C 156 -31.98 -7.01 -7.78
N LEU C 157 -33.21 -7.52 -7.77
CA LEU C 157 -33.58 -8.68 -8.58
C LEU C 157 -34.35 -8.32 -9.87
N LYS C 158 -33.95 -8.94 -10.97
CA LYS C 158 -34.60 -8.74 -12.26
C LYS C 158 -34.97 -10.11 -12.82
N ASP C 159 -35.69 -10.15 -13.94
CA ASP C 159 -36.11 -11.42 -14.54
C ASP C 159 -35.01 -12.47 -14.54
N THR C 160 -33.79 -12.05 -14.85
CA THR C 160 -32.64 -12.96 -14.88
C THR C 160 -32.57 -13.78 -13.58
N HIS C 161 -32.78 -13.09 -12.47
CA HIS C 161 -32.72 -13.73 -11.14
C HIS C 161 -33.95 -14.59 -10.86
N LEU C 162 -35.13 -14.05 -11.17
CA LEU C 162 -36.39 -14.74 -10.91
C LEU C 162 -36.76 -15.80 -11.96
N ARG C 163 -36.06 -15.79 -13.09
CA ARG C 163 -36.32 -16.74 -14.17
C ARG C 163 -36.56 -18.13 -13.61
N HIS C 164 -35.63 -18.58 -12.77
CA HIS C 164 -35.73 -19.90 -12.15
C HIS C 164 -36.34 -19.80 -10.76
N VAL C 165 -37.38 -18.98 -10.64
CA VAL C 165 -38.09 -18.78 -9.38
C VAL C 165 -39.57 -18.92 -9.65
N LYS C 166 -40.31 -19.56 -8.74
CA LYS C 166 -41.73 -19.75 -8.99
C LYS C 166 -42.68 -19.21 -7.92
N ASP C 167 -42.16 -18.85 -6.76
CA ASP C 167 -43.00 -18.30 -5.68
C ASP C 167 -42.28 -17.07 -5.10
N LEU C 168 -42.38 -15.95 -5.80
CA LEU C 168 -41.73 -14.73 -5.35
C LEU C 168 -41.95 -14.43 -3.88
N LYS C 169 -43.19 -14.53 -3.42
CA LYS C 169 -43.50 -14.23 -2.03
C LYS C 169 -42.70 -15.10 -1.05
N SER C 170 -42.62 -16.40 -1.32
CA SER C 170 -41.88 -17.29 -0.43
C SER C 170 -40.38 -17.07 -0.60
N PHE C 171 -39.95 -16.89 -1.85
CA PHE C 171 -38.54 -16.67 -2.15
C PHE C 171 -37.97 -15.48 -1.39
N LEU C 172 -38.69 -14.36 -1.41
CA LEU C 172 -38.24 -13.15 -0.72
C LEU C 172 -38.32 -13.32 0.79
N THR C 173 -39.39 -13.96 1.25
CA THR C 173 -39.58 -14.20 2.67
C THR C 173 -38.42 -14.99 3.27
N HIS C 174 -37.69 -15.70 2.40
CA HIS C 174 -36.55 -16.49 2.84
C HIS C 174 -35.24 -15.75 2.61
N ALA C 175 -35.21 -14.93 1.58
CA ALA C 175 -34.01 -14.16 1.28
C ALA C 175 -33.67 -13.31 2.50
N ARG C 176 -34.69 -12.74 3.11
CA ARG C 176 -34.54 -11.90 4.30
C ARG C 176 -33.62 -12.50 5.36
N LYS C 177 -33.86 -13.77 5.70
CA LYS C 177 -33.05 -14.46 6.69
C LYS C 177 -31.58 -14.51 6.29
N ASN C 178 -31.33 -14.61 4.99
CA ASN C 178 -29.97 -14.71 4.46
C ASN C 178 -29.32 -13.38 4.06
N LEU C 179 -30.10 -12.32 4.00
CA LEU C 179 -29.56 -11.00 3.65
C LEU C 179 -29.27 -10.25 4.94
N PRO C 180 -28.36 -9.27 4.90
CA PRO C 180 -28.14 -8.56 6.16
C PRO C 180 -29.45 -7.89 6.60
N PHE C 181 -29.69 -7.89 7.91
CA PHE C 181 -30.90 -7.33 8.48
C PHE C 181 -31.41 -6.01 7.90
N THR C 182 -30.49 -5.11 7.55
CA THR C 182 -30.88 -3.80 7.04
C THR C 182 -31.04 -3.65 5.53
N ALA C 183 -30.88 -4.73 4.78
CA ALA C 183 -30.99 -4.65 3.33
C ALA C 183 -32.39 -4.59 2.73
N LYS C 184 -32.54 -3.72 1.74
CA LYS C 184 -33.79 -3.58 1.02
C LYS C 184 -33.70 -4.46 -0.22
N ILE C 185 -34.87 -4.89 -0.73
CA ILE C 185 -34.93 -5.72 -1.93
C ILE C 185 -35.73 -4.96 -2.98
N GLU C 186 -35.09 -4.68 -4.11
CA GLU C 186 -35.75 -3.99 -5.20
C GLU C 186 -35.95 -4.98 -6.33
N ILE C 187 -37.04 -4.82 -7.07
CA ILE C 187 -37.35 -5.69 -8.18
C ILE C 187 -37.64 -4.89 -9.43
N GLU C 188 -36.96 -5.24 -10.51
CA GLU C 188 -37.16 -4.55 -11.79
C GLU C 188 -38.37 -5.15 -12.46
N CYS C 189 -39.28 -4.30 -12.91
CA CYS C 189 -40.49 -4.77 -13.57
C CYS C 189 -40.71 -4.06 -14.90
N GLU C 190 -41.13 -4.83 -15.90
CA GLU C 190 -41.36 -4.31 -17.23
C GLU C 190 -42.84 -4.32 -17.62
N SER C 191 -43.70 -4.60 -16.66
CA SER C 191 -45.15 -4.62 -16.90
C SER C 191 -45.91 -4.41 -15.60
N PHE C 192 -47.15 -3.96 -15.72
CA PHE C 192 -47.98 -3.74 -14.54
C PHE C 192 -48.05 -5.01 -13.72
N GLU C 193 -48.40 -6.12 -14.37
CA GLU C 193 -48.52 -7.41 -13.70
C GLU C 193 -47.30 -7.79 -12.86
N GLU C 194 -46.12 -7.39 -13.30
CA GLU C 194 -44.90 -7.71 -12.56
C GLU C 194 -44.81 -6.87 -11.29
N ALA C 195 -45.01 -5.56 -11.44
CA ALA C 195 -44.96 -4.63 -10.30
C ALA C 195 -45.97 -5.06 -9.25
N LYS C 196 -47.19 -5.32 -9.69
CA LYS C 196 -48.27 -5.75 -8.82
C LYS C 196 -47.87 -7.05 -8.12
N ASN C 197 -47.15 -7.89 -8.87
CA ASN C 197 -46.68 -9.18 -8.37
C ASN C 197 -45.60 -8.97 -7.31
N ALA C 198 -44.68 -8.05 -7.59
CA ALA C 198 -43.58 -7.74 -6.68
C ALA C 198 -44.10 -7.20 -5.36
N MET C 199 -44.93 -6.16 -5.43
CA MET C 199 -45.49 -5.55 -4.23
C MET C 199 -46.14 -6.57 -3.32
N ASN C 200 -46.82 -7.54 -3.92
CA ASN C 200 -47.49 -8.58 -3.15
C ASN C 200 -46.45 -9.56 -2.61
N ALA C 201 -45.30 -9.62 -3.25
CA ALA C 201 -44.23 -10.52 -2.83
C ALA C 201 -43.55 -9.99 -1.57
N GLY C 202 -43.57 -8.67 -1.41
CA GLY C 202 -42.97 -8.06 -0.23
C GLY C 202 -41.76 -7.21 -0.57
N ALA C 203 -41.65 -6.78 -1.82
CA ALA C 203 -40.54 -5.96 -2.25
C ALA C 203 -40.56 -4.58 -1.60
N ASP C 204 -39.38 -4.07 -1.27
CA ASP C 204 -39.25 -2.75 -0.65
C ASP C 204 -39.26 -1.69 -1.74
N ILE C 205 -38.83 -2.07 -2.93
CA ILE C 205 -38.75 -1.13 -4.04
C ILE C 205 -39.08 -1.80 -5.36
N VAL C 206 -39.82 -1.09 -6.21
CA VAL C 206 -40.19 -1.62 -7.51
C VAL C 206 -39.73 -0.67 -8.60
N MET C 207 -39.01 -1.21 -9.57
CA MET C 207 -38.53 -0.42 -10.68
C MET C 207 -39.46 -0.58 -11.88
N CYS C 208 -39.88 0.55 -12.43
CA CYS C 208 -40.74 0.57 -13.60
C CYS C 208 -39.77 0.73 -14.76
N ASP C 209 -39.29 -0.41 -15.25
CA ASP C 209 -38.30 -0.46 -16.31
C ASP C 209 -38.84 -0.44 -17.74
N ASN C 210 -38.37 0.54 -18.51
CA ASN C 210 -38.78 0.72 -19.91
C ASN C 210 -40.30 0.66 -20.07
N LEU C 211 -40.99 1.59 -19.42
CA LEU C 211 -42.45 1.67 -19.49
C LEU C 211 -42.92 3.08 -19.78
N SER C 212 -44.15 3.18 -20.29
CA SER C 212 -44.75 4.46 -20.63
C SER C 212 -45.28 5.14 -19.38
N VAL C 213 -45.49 6.45 -19.46
CA VAL C 213 -46.01 7.20 -18.33
C VAL C 213 -47.32 6.58 -17.85
N LEU C 214 -48.19 6.24 -18.80
CA LEU C 214 -49.48 5.63 -18.47
C LEU C 214 -49.27 4.34 -17.69
N GLU C 215 -48.34 3.51 -18.15
CA GLU C 215 -48.03 2.26 -17.49
C GLU C 215 -47.52 2.52 -16.08
N THR C 216 -46.61 3.50 -15.98
CA THR C 216 -46.01 3.88 -14.71
C THR C 216 -47.09 4.38 -13.75
N LYS C 217 -47.88 5.33 -14.22
CA LYS C 217 -48.97 5.90 -13.42
C LYS C 217 -49.90 4.81 -12.92
N GLU C 218 -50.12 3.79 -13.74
CA GLU C 218 -50.98 2.67 -13.36
C GLU C 218 -50.42 2.02 -12.10
N ILE C 219 -49.12 1.73 -12.14
CA ILE C 219 -48.44 1.09 -11.03
C ILE C 219 -48.40 2.00 -9.81
N ALA C 220 -48.22 3.30 -10.04
CA ALA C 220 -48.17 4.27 -8.95
C ALA C 220 -49.50 4.31 -8.21
N ALA C 221 -50.59 4.51 -8.95
CA ALA C 221 -51.91 4.56 -8.37
C ALA C 221 -52.17 3.30 -7.57
N TYR C 222 -51.76 2.16 -8.11
CA TYR C 222 -51.95 0.88 -7.42
C TYR C 222 -51.13 0.88 -6.15
N ARG C 223 -49.90 1.37 -6.24
CA ARG C 223 -49.00 1.44 -5.10
C ARG C 223 -49.65 2.34 -4.05
N ASP C 224 -50.04 3.54 -4.48
CA ASP C 224 -50.69 4.50 -3.60
C ASP C 224 -51.90 3.88 -2.90
N ALA C 225 -52.55 2.95 -3.58
CA ALA C 225 -53.74 2.30 -3.05
C ALA C 225 -53.53 1.20 -2.01
N HIS C 226 -52.72 0.20 -2.34
CA HIS C 226 -52.51 -0.92 -1.44
C HIS C 226 -51.15 -1.00 -0.74
N TYR C 227 -50.09 -0.59 -1.43
CA TYR C 227 -48.76 -0.63 -0.84
C TYR C 227 -48.12 0.75 -0.85
N PRO C 228 -48.51 1.61 0.09
CA PRO C 228 -47.97 2.98 0.17
C PRO C 228 -46.50 3.08 0.59
N PHE C 229 -45.96 2.02 1.18
CA PHE C 229 -44.57 2.02 1.66
C PHE C 229 -43.57 1.41 0.68
N VAL C 230 -44.03 1.15 -0.54
CA VAL C 230 -43.18 0.58 -1.57
C VAL C 230 -42.69 1.69 -2.49
N LEU C 231 -41.41 2.02 -2.39
CA LEU C 231 -40.82 3.05 -3.25
C LEU C 231 -40.94 2.61 -4.69
N LEU C 232 -41.09 3.57 -5.60
CA LEU C 232 -41.19 3.26 -7.01
C LEU C 232 -40.11 4.02 -7.74
N GLU C 233 -39.47 3.36 -8.70
CA GLU C 233 -38.40 3.96 -9.46
C GLU C 233 -38.63 3.76 -10.96
N ALA C 234 -38.52 4.85 -11.72
CA ALA C 234 -38.70 4.76 -13.16
C ALA C 234 -37.34 4.90 -13.83
N SER C 235 -37.09 4.08 -14.84
CA SER C 235 -35.82 4.12 -15.56
C SER C 235 -35.97 3.40 -16.90
N GLY C 236 -35.04 3.68 -17.80
CA GLY C 236 -35.06 3.08 -19.11
C GLY C 236 -34.94 4.13 -20.19
N ASN C 237 -33.71 4.57 -20.45
CA ASN C 237 -33.43 5.57 -21.46
C ASN C 237 -34.15 6.89 -21.25
N ILE C 238 -34.50 7.20 -20.01
CA ILE C 238 -35.17 8.46 -19.71
C ILE C 238 -34.27 9.55 -20.29
N SER C 239 -34.85 10.45 -21.06
CA SER C 239 -34.08 11.52 -21.68
C SER C 239 -34.29 12.88 -21.04
N LEU C 240 -33.48 13.83 -21.47
CA LEU C 240 -33.55 15.19 -20.96
C LEU C 240 -34.83 15.85 -21.48
N GLU C 241 -35.56 15.12 -22.32
CA GLU C 241 -36.80 15.63 -22.89
C GLU C 241 -38.03 14.90 -22.39
N SER C 242 -37.83 13.84 -21.61
CA SER C 242 -38.96 13.08 -21.09
C SER C 242 -38.86 12.85 -19.59
N ILE C 243 -37.82 13.41 -18.97
CA ILE C 243 -37.65 13.21 -17.54
C ILE C 243 -38.76 13.87 -16.72
N ASN C 244 -39.13 15.09 -17.11
CA ASN C 244 -40.18 15.83 -16.41
C ASN C 244 -41.51 15.07 -16.46
N ALA C 245 -41.82 14.49 -17.61
CA ALA C 245 -43.06 13.75 -17.78
C ALA C 245 -43.18 12.59 -16.81
N TYR C 246 -42.10 11.83 -16.64
CA TYR C 246 -42.11 10.69 -15.73
C TYR C 246 -42.19 11.14 -14.27
N ALA C 247 -41.67 12.32 -14.00
CA ALA C 247 -41.68 12.86 -12.65
C ALA C 247 -43.12 13.11 -12.18
N LYS C 248 -44.04 13.09 -13.13
CA LYS C 248 -45.44 13.33 -12.83
C LYS C 248 -46.27 12.05 -12.82
N SER C 249 -45.59 10.91 -12.86
CA SER C 249 -46.28 9.62 -12.84
C SER C 249 -46.52 9.13 -11.42
N GLY C 250 -46.08 9.93 -10.44
CA GLY C 250 -46.25 9.56 -9.05
C GLY C 250 -45.16 8.63 -8.56
N VAL C 251 -44.04 8.61 -9.28
CA VAL C 251 -42.92 7.75 -8.93
C VAL C 251 -42.04 8.52 -7.95
N ASP C 252 -41.39 7.80 -7.04
CA ASP C 252 -40.53 8.45 -6.04
C ASP C 252 -39.16 8.86 -6.57
N ALA C 253 -38.66 8.15 -7.57
CA ALA C 253 -37.35 8.45 -8.13
C ALA C 253 -37.24 8.04 -9.59
N ILE C 254 -36.28 8.65 -10.27
CA ILE C 254 -36.02 8.35 -11.68
C ILE C 254 -34.52 8.17 -11.86
N SER C 255 -34.10 6.97 -12.24
CA SER C 255 -32.67 6.72 -12.43
C SER C 255 -32.29 6.81 -13.90
N VAL C 256 -31.16 7.47 -14.14
CA VAL C 256 -30.64 7.64 -15.50
C VAL C 256 -29.12 7.44 -15.48
N GLY C 257 -28.67 6.38 -16.12
CA GLY C 257 -27.24 6.08 -16.16
C GLY C 257 -26.46 7.12 -16.96
N ALA C 258 -27.11 7.69 -17.96
CA ALA C 258 -26.48 8.68 -18.82
C ALA C 258 -25.78 9.77 -18.04
N LEU C 259 -26.26 10.06 -16.83
CA LEU C 259 -25.66 11.11 -15.99
C LEU C 259 -24.15 10.88 -15.92
N ILE C 260 -23.77 9.62 -15.86
CA ILE C 260 -22.36 9.27 -15.78
C ILE C 260 -21.78 8.79 -17.11
N HIS C 261 -22.41 7.80 -17.72
CA HIS C 261 -21.87 7.25 -18.96
C HIS C 261 -21.99 8.08 -20.22
N GLN C 262 -22.61 9.26 -20.12
CA GLN C 262 -22.70 10.15 -21.27
C GLN C 262 -22.06 11.50 -20.96
N ALA C 263 -21.53 11.64 -19.75
CA ALA C 263 -20.87 12.89 -19.38
C ALA C 263 -19.52 12.94 -20.05
N THR C 264 -19.00 14.15 -20.24
CA THR C 264 -17.71 14.34 -20.89
C THR C 264 -16.93 15.41 -20.14
N PHE C 265 -15.63 15.53 -20.41
CA PHE C 265 -14.79 16.51 -19.73
C PHE C 265 -15.28 17.95 -19.94
N ILE C 266 -14.99 18.80 -18.95
CA ILE C 266 -15.32 20.22 -19.00
C ILE C 266 -13.97 20.87 -19.24
N ASP C 267 -13.88 21.72 -20.24
CA ASP C 267 -12.60 22.34 -20.57
C ASP C 267 -12.05 23.24 -19.46
N MET C 268 -10.83 22.94 -19.04
CA MET C 268 -10.13 23.68 -18.00
C MET C 268 -8.64 23.65 -18.36
N HIS C 269 -7.84 24.39 -17.62
CA HIS C 269 -6.41 24.41 -17.87
C HIS C 269 -5.68 25.05 -16.70
N MET C 270 -4.35 24.91 -16.66
CA MET C 270 -3.57 25.48 -15.58
C MET C 270 -2.53 26.45 -16.11
N LYS C 271 -2.44 27.61 -15.47
CA LYS C 271 -1.49 28.65 -15.86
C LYS C 271 -0.62 29.03 -14.66
N MET C 272 0.65 29.31 -14.93
CA MET C 272 1.58 29.69 -13.87
C MET C 272 1.40 31.15 -13.48
N ALA C 273 1.73 32.05 -14.40
CA ALA C 273 1.62 33.49 -14.16
C ALA C 273 2.34 33.87 -12.87
#